data_6Q6Y
#
_entry.id   6Q6Y
#
_cell.length_a   141.690
_cell.length_b   64.210
_cell.length_c   116.370
_cell.angle_alpha   90.00
_cell.angle_beta   102.62
_cell.angle_gamma   90.00
#
_symmetry.space_group_name_H-M   'C 1 2 1'
#
loop_
_entity.id
_entity.type
_entity.pdbx_description
1 polymer 'Phosphatidylinositol 4,5-bisphosphate 3-kinase catalytic subunit delta isoform'
2 non-polymer ~{N}-(2-chloranyl-5-phenyl-pyridin-3-yl)benzenesulfonamide
3 water water
#
_entity_poly.entity_id   1
_entity_poly.type   'polypeptide(L)'
_entity_poly.pdbx_seq_one_letter_code
;GGDRVKKLINSQISLLIGKGLHEFDSLRDPEVNDFRTKMRQFCEEAAAHRQQLGWVEWLQYSFPLQLEPSARGWRAGLLR
VSNRALLVNVKFEGSEESFTFQVSTKDMPLALMACALRKKATVFRQPLVEQPEEYALQVNGRHEYLYGNYPLCHFQYICS
CLHSGLTPHLTMVHSSSILAMRDEQSNPAPQVQKPRAKPPPIPAKKPSSVSLWSLEQPFSIELIEGRKVNADERMKLVVQ
AGLFHGNEMLCKTVSSSEVNVCSEPVWKQRLEFDISVCDLPRMARLCFALYAVVEKAKKARSTKKKSKKADCPIAWANLM
LFDYKDQLKTGERCLYMWPSVPDEKGELLNPAGTVRGNPNTESAAALVIYLPEVAPHPVYFPALEKILELGRHGERGRIT
EEEQLQLREILERRGSGELYEHEKDLVWKMRHEVQEHFPEALARLLLVTKWNKHEDVAQMLYLLCSWPELPVLSALELLD
FSFPDCYVGSFAIKSLRKLTDDELFQYLLQLVQVLKYESYLDCELTKFLLGRALANRKIGHFLFWHLRSEMHVPSVALRF
GLIMEAYCRGSTHHMKVLMKQGEALSKLKALNDFVKVSSQKTTKPQTKEMMHMCMRQETYMEALSHLQSPLDPSTLLEEV
CVEQCTFMDSKMKPLWIMYSSEEAGSAGNVGIIFKNGDDLRQDMLTLQMIQLMDVLWKQEGLDLRMTPYGCLPTGDRTGL
IEVVLHSDTIANIQLNKSNMAATAAFNKDALLNWLKSKNPGEALDRAIEEFTLSCAGYCVATYVLGIGDRHSDNIMIRES
GQLFHIDFGHFLGNFKTKFGINRERVPFILTYDFVHVIQQGKTNNSEKFERFRGYCERAYTILRRHGLLFLHLFALMRAA
GLPELSCSKDIQYLKDSLALGKTEEEALKHFRVKFNEALRESWKTKVNWLAHNVSKDNRQ
;
_entity_poly.pdbx_strand_id   A
#
# COMPACT_ATOMS: atom_id res chain seq x y z
N ASP A 3 33.22 0.78 -17.03
CA ASP A 3 33.82 2.06 -16.67
C ASP A 3 32.90 3.23 -17.05
N ARG A 4 32.85 3.59 -18.36
CA ARG A 4 32.02 4.68 -18.92
C ARG A 4 30.53 4.44 -18.67
N VAL A 5 30.11 3.16 -18.71
CA VAL A 5 28.71 2.75 -18.55
C VAL A 5 28.29 2.71 -17.09
N LYS A 6 29.22 2.32 -16.18
CA LYS A 6 29.00 2.28 -14.72
C LYS A 6 28.78 3.72 -14.25
N LYS A 7 29.55 4.68 -14.80
CA LYS A 7 29.45 6.10 -14.49
C LYS A 7 28.11 6.65 -14.94
N LEU A 8 27.68 6.29 -16.18
CA LEU A 8 26.38 6.71 -16.71
C LEU A 8 25.22 6.11 -15.89
N ILE A 9 25.29 4.81 -15.55
CA ILE A 9 24.25 4.16 -14.75
C ILE A 9 24.12 4.86 -13.39
N ASN A 10 25.27 5.17 -12.72
CA ASN A 10 25.30 5.86 -11.43
C ASN A 10 24.66 7.24 -11.52
N SER A 11 24.92 7.99 -12.61
CA SER A 11 24.31 9.31 -12.80
C SER A 11 22.80 9.19 -13.07
N GLN A 12 22.37 8.15 -13.80
CA GLN A 12 20.96 7.85 -14.08
C GLN A 12 20.19 7.41 -12.82
N ILE A 13 20.82 6.63 -11.94
CA ILE A 13 20.21 6.21 -10.64
C ILE A 13 20.05 7.46 -9.75
N SER A 14 21.09 8.29 -9.67
CA SER A 14 21.08 9.53 -8.87
C SER A 14 19.90 10.41 -9.29
N LEU A 15 19.72 10.57 -10.60
CA LEU A 15 18.65 11.36 -11.19
C LEU A 15 17.30 10.77 -10.87
N LEU A 16 17.15 9.46 -11.08
CA LEU A 16 15.91 8.75 -10.83
C LEU A 16 15.42 8.82 -9.39
N ILE A 17 16.30 8.49 -8.43
CA ILE A 17 15.93 8.42 -7.01
C ILE A 17 15.87 9.81 -6.37
N GLY A 18 16.38 10.82 -7.08
CA GLY A 18 16.39 12.19 -6.62
C GLY A 18 17.41 12.48 -5.52
N LYS A 19 18.45 11.64 -5.43
CA LYS A 19 19.54 11.79 -4.46
C LYS A 19 20.83 11.25 -5.11
N GLY A 20 21.87 12.11 -5.18
CA GLY A 20 23.18 11.77 -5.72
C GLY A 20 23.82 10.65 -4.93
N LEU A 21 24.38 9.62 -5.63
CA LEU A 21 24.98 8.45 -4.96
C LEU A 21 26.18 8.80 -4.11
N HIS A 22 26.87 9.90 -4.45
CA HIS A 22 28.02 10.44 -3.71
C HIS A 22 27.66 10.72 -2.24
N GLU A 23 26.39 11.13 -1.98
CA GLU A 23 25.85 11.44 -0.63
C GLU A 23 25.88 10.21 0.26
N PHE A 24 25.71 9.00 -0.33
CA PHE A 24 25.79 7.74 0.41
C PHE A 24 27.23 7.51 0.86
N ASP A 25 28.21 7.71 -0.05
CA ASP A 25 29.64 7.56 0.23
C ASP A 25 30.16 8.61 1.21
N SER A 26 29.64 9.86 1.11
CA SER A 26 30.02 11.00 1.96
C SER A 26 29.75 10.78 3.44
N LEU A 27 28.83 9.85 3.78
CA LEU A 27 28.47 9.50 5.15
C LEU A 27 29.54 8.70 5.86
N ARG A 28 30.41 8.00 5.09
CA ARG A 28 31.51 7.12 5.55
C ARG A 28 30.99 6.20 6.66
N ASP A 29 29.73 5.74 6.49
CA ASP A 29 28.97 4.88 7.41
C ASP A 29 29.11 3.38 7.02
N PRO A 30 29.70 2.53 7.90
CA PRO A 30 29.86 1.10 7.54
C PRO A 30 28.57 0.32 7.29
N GLU A 31 27.47 0.68 7.97
CA GLU A 31 26.17 0.01 7.81
C GLU A 31 25.59 0.30 6.43
N VAL A 32 25.70 1.57 6.00
CA VAL A 32 25.29 2.04 4.68
C VAL A 32 26.14 1.30 3.61
N ASN A 33 27.46 1.24 3.80
CA ASN A 33 28.38 0.57 2.87
C ASN A 33 28.11 -0.92 2.70
N ASP A 34 27.87 -1.65 3.80
CA ASP A 34 27.60 -3.10 3.79
C ASP A 34 26.27 -3.42 3.13
N PHE A 35 25.24 -2.59 3.37
CA PHE A 35 23.94 -2.74 2.72
C PHE A 35 24.13 -2.62 1.21
N ARG A 36 24.82 -1.55 0.77
CA ARG A 36 25.02 -1.24 -0.65
C ARG A 36 25.71 -2.38 -1.39
N THR A 37 26.76 -2.95 -0.78
CA THR A 37 27.54 -4.06 -1.32
C THR A 37 26.73 -5.38 -1.36
N LYS A 38 26.10 -5.77 -0.24
CA LYS A 38 25.30 -7.00 -0.12
C LYS A 38 24.08 -6.97 -1.00
N MET A 39 23.35 -5.83 -1.03
CA MET A 39 22.14 -5.73 -1.83
C MET A 39 22.45 -5.59 -3.29
N ARG A 40 23.59 -4.97 -3.69
CA ARG A 40 24.01 -4.87 -5.11
C ARG A 40 24.25 -6.28 -5.66
N GLN A 41 24.92 -7.13 -4.89
CA GLN A 41 25.23 -8.52 -5.21
C GLN A 41 23.97 -9.36 -5.35
N PHE A 42 23.07 -9.28 -4.35
CA PHE A 42 21.82 -10.03 -4.31
C PHE A 42 20.91 -9.68 -5.50
N CYS A 43 20.89 -8.40 -5.92
CA CYS A 43 20.04 -7.90 -7.02
C CYS A 43 20.61 -8.25 -8.40
N GLU A 44 21.92 -8.22 -8.56
CA GLU A 44 22.63 -8.60 -9.80
C GLU A 44 22.49 -10.11 -10.09
N GLU A 45 22.42 -10.93 -9.03
CA GLU A 45 22.18 -12.39 -9.15
C GLU A 45 20.75 -12.60 -9.66
N ALA A 46 19.79 -11.80 -9.15
CA ALA A 46 18.39 -11.81 -9.58
C ALA A 46 18.30 -11.46 -11.05
N ALA A 47 19.05 -10.45 -11.50
CA ALA A 47 19.12 -10.04 -12.91
C ALA A 47 19.67 -11.18 -13.81
N ALA A 48 20.80 -11.84 -13.41
CA ALA A 48 21.38 -12.95 -14.17
C ALA A 48 20.44 -14.16 -14.23
N HIS A 49 19.68 -14.43 -13.16
CA HIS A 49 18.68 -15.50 -13.16
C HIS A 49 17.58 -15.20 -14.23
N ARG A 50 17.16 -13.92 -14.32
CA ARG A 50 16.11 -13.44 -15.22
C ARG A 50 16.46 -13.51 -16.71
N GLN A 51 17.70 -13.15 -17.06
CA GLN A 51 18.18 -13.09 -18.44
C GLN A 51 18.25 -14.46 -19.08
N GLN A 52 18.20 -15.50 -18.26
CA GLN A 52 18.20 -16.88 -18.70
C GLN A 52 16.82 -17.56 -18.59
N LEU A 53 15.77 -16.84 -18.11
CA LEU A 53 14.44 -17.42 -17.99
C LEU A 53 13.95 -17.93 -19.35
N GLY A 54 13.13 -18.97 -19.30
CA GLY A 54 12.42 -19.48 -20.46
C GLY A 54 11.47 -18.39 -20.94
N TRP A 55 10.98 -18.47 -22.19
CA TRP A 55 10.10 -17.39 -22.70
C TRP A 55 8.73 -17.27 -21.97
N VAL A 56 8.14 -18.37 -21.49
CA VAL A 56 6.87 -18.29 -20.74
C VAL A 56 7.14 -17.72 -19.32
N GLU A 57 8.28 -18.09 -18.73
CA GLU A 57 8.70 -17.55 -17.44
C GLU A 57 9.03 -16.09 -17.57
N TRP A 58 9.60 -15.66 -18.71
CA TRP A 58 9.85 -14.24 -18.90
C TRP A 58 8.53 -13.45 -19.06
N LEU A 59 7.50 -14.04 -19.69
CA LEU A 59 6.15 -13.45 -19.78
C LEU A 59 5.57 -13.35 -18.36
N GLN A 60 5.81 -14.37 -17.48
CA GLN A 60 5.33 -14.33 -16.10
C GLN A 60 6.05 -13.20 -15.33
N TYR A 61 7.34 -12.94 -15.64
CA TYR A 61 8.08 -11.84 -15.01
C TYR A 61 7.52 -10.46 -15.44
N SER A 62 7.50 -10.25 -16.74
CA SER A 62 7.21 -8.95 -17.34
C SER A 62 5.74 -8.59 -17.46
N PHE A 63 4.88 -9.61 -17.70
CA PHE A 63 3.45 -9.40 -17.91
C PHE A 63 2.73 -10.41 -17.03
N PRO A 64 2.81 -10.30 -15.68
CA PRO A 64 2.12 -11.29 -14.84
C PRO A 64 0.61 -11.28 -15.16
N LEU A 65 -0.01 -12.47 -15.14
CA LEU A 65 -1.43 -12.63 -15.47
C LEU A 65 -2.36 -11.83 -14.56
N GLN A 66 -3.38 -11.22 -15.19
CA GLN A 66 -4.38 -10.39 -14.52
C GLN A 66 -5.66 -11.20 -14.58
N LEU A 67 -5.87 -12.01 -13.53
CA LEU A 67 -7.01 -12.92 -13.46
C LEU A 67 -8.11 -12.40 -12.54
N GLU A 68 -9.35 -12.84 -12.76
CA GLU A 68 -10.52 -12.50 -11.94
C GLU A 68 -10.38 -13.15 -10.54
N PRO A 69 -10.65 -12.42 -9.41
CA PRO A 69 -10.52 -13.04 -8.07
C PRO A 69 -11.11 -14.44 -7.88
N SER A 70 -12.21 -14.74 -8.59
CA SER A 70 -12.88 -16.06 -8.55
C SER A 70 -12.01 -17.19 -9.11
N ALA A 71 -11.23 -16.88 -10.18
CA ALA A 71 -10.32 -17.81 -10.88
C ALA A 71 -9.05 -18.14 -10.08
N ARG A 72 -8.75 -17.34 -9.05
CA ARG A 72 -7.54 -17.49 -8.22
C ARG A 72 -7.69 -18.56 -7.13
N ASN A 83 -20.38 -22.53 -22.41
CA ASN A 83 -21.29 -21.79 -21.56
C ASN A 83 -21.85 -20.57 -22.31
N ARG A 84 -20.99 -19.60 -22.68
CA ARG A 84 -21.36 -18.38 -23.40
C ARG A 84 -20.53 -18.21 -24.68
N ALA A 85 -21.14 -17.63 -25.73
CA ALA A 85 -20.51 -17.36 -27.03
C ALA A 85 -19.75 -16.04 -26.96
N LEU A 86 -18.53 -16.02 -27.52
CA LEU A 86 -17.67 -14.85 -27.49
C LEU A 86 -17.02 -14.54 -28.84
N LEU A 87 -17.10 -13.29 -29.25
CA LEU A 87 -16.45 -12.80 -30.47
C LEU A 87 -15.09 -12.21 -30.13
N VAL A 88 -14.04 -12.61 -30.86
CA VAL A 88 -12.66 -12.18 -30.62
C VAL A 88 -11.97 -11.76 -31.93
N ASN A 89 -11.20 -10.65 -31.91
CA ASN A 89 -10.44 -10.22 -33.06
C ASN A 89 -8.96 -10.56 -32.81
N VAL A 90 -8.35 -11.33 -33.73
CA VAL A 90 -6.96 -11.74 -33.60
C VAL A 90 -6.16 -11.35 -34.84
N LYS A 91 -5.03 -10.69 -34.62
CA LYS A 91 -4.06 -10.41 -35.67
C LYS A 91 -2.73 -10.98 -35.25
N PHE A 92 -1.81 -11.11 -36.18
CA PHE A 92 -0.47 -11.59 -35.91
C PHE A 92 0.40 -10.36 -35.91
N GLU A 93 1.53 -10.42 -35.18
CA GLU A 93 2.46 -9.29 -35.05
C GLU A 93 2.98 -8.82 -36.42
N GLY A 94 2.89 -7.51 -36.66
CA GLY A 94 3.36 -6.90 -37.90
C GLY A 94 2.36 -6.92 -39.04
N SER A 95 1.15 -7.49 -38.81
CA SER A 95 0.10 -7.58 -39.81
C SER A 95 -0.99 -6.57 -39.58
N GLU A 96 -1.43 -5.95 -40.68
CA GLU A 96 -2.54 -4.99 -40.65
C GLU A 96 -3.86 -5.77 -40.79
N GLU A 97 -3.76 -7.06 -41.18
CA GLU A 97 -4.86 -7.99 -41.34
C GLU A 97 -5.18 -8.70 -40.03
N SER A 98 -6.48 -8.78 -39.71
CA SER A 98 -6.99 -9.46 -38.54
C SER A 98 -8.09 -10.46 -38.92
N PHE A 99 -8.47 -11.32 -37.98
CA PHE A 99 -9.51 -12.34 -38.14
C PHE A 99 -10.46 -12.22 -36.95
N THR A 100 -11.76 -12.10 -37.23
CA THR A 100 -12.77 -12.03 -36.19
C THR A 100 -13.44 -13.41 -36.10
N PHE A 101 -13.43 -14.04 -34.92
CA PHE A 101 -14.03 -15.37 -34.82
C PHE A 101 -14.75 -15.61 -33.50
N GLN A 102 -15.58 -16.67 -33.49
CA GLN A 102 -16.43 -17.03 -32.38
C GLN A 102 -15.83 -18.16 -31.61
N VAL A 103 -15.62 -17.93 -30.32
CA VAL A 103 -15.10 -18.89 -29.37
C VAL A 103 -16.09 -18.97 -28.20
N SER A 104 -15.83 -19.84 -27.24
CA SER A 104 -16.64 -19.87 -26.04
C SER A 104 -15.81 -19.21 -24.92
N THR A 105 -16.51 -18.63 -23.92
CA THR A 105 -15.91 -18.04 -22.71
C THR A 105 -15.11 -19.12 -21.94
N LYS A 106 -15.53 -20.40 -22.06
CA LYS A 106 -14.89 -21.56 -21.42
C LYS A 106 -13.64 -22.03 -22.14
N ASP A 107 -13.42 -21.55 -23.41
CA ASP A 107 -12.22 -21.96 -24.17
C ASP A 107 -10.95 -21.37 -23.58
N MET A 108 -9.84 -22.08 -23.74
CA MET A 108 -8.50 -21.72 -23.23
C MET A 108 -7.73 -20.97 -24.32
N PRO A 109 -6.76 -20.06 -23.96
CA PRO A 109 -6.01 -19.33 -24.99
C PRO A 109 -5.47 -20.19 -26.14
N LEU A 110 -5.01 -21.42 -25.84
CA LEU A 110 -4.47 -22.38 -26.80
C LEU A 110 -5.44 -22.75 -27.93
N ALA A 111 -6.75 -22.88 -27.61
CA ALA A 111 -7.80 -23.22 -28.57
C ALA A 111 -8.01 -22.06 -29.53
N LEU A 112 -7.96 -20.84 -28.99
CA LEU A 112 -8.10 -19.58 -29.73
C LEU A 112 -6.88 -19.43 -30.65
N MET A 113 -5.67 -19.72 -30.13
CA MET A 113 -4.43 -19.61 -30.88
C MET A 113 -4.39 -20.61 -32.03
N ALA A 114 -4.83 -21.88 -31.78
CA ALA A 114 -4.89 -22.93 -32.82
C ALA A 114 -5.90 -22.53 -33.90
N CYS A 115 -6.96 -21.80 -33.51
CA CYS A 115 -7.98 -21.32 -34.44
C CYS A 115 -7.41 -20.22 -35.36
N ALA A 116 -6.62 -19.29 -34.78
CA ALA A 116 -5.93 -18.20 -35.48
C ALA A 116 -4.87 -18.78 -36.45
N LEU A 117 -4.17 -19.85 -36.02
CA LEU A 117 -3.15 -20.50 -36.86
C LEU A 117 -3.76 -21.25 -38.04
N ARG A 118 -4.98 -21.83 -37.89
CA ARG A 118 -5.66 -22.52 -38.99
C ARG A 118 -6.10 -21.48 -40.01
N LYS A 119 -6.63 -20.33 -39.52
CA LYS A 119 -7.05 -19.22 -40.37
C LYS A 119 -5.89 -18.65 -41.19
N LYS A 120 -4.69 -18.46 -40.58
CA LYS A 120 -3.47 -17.99 -41.26
C LYS A 120 -2.99 -19.00 -42.31
N ALA A 121 -3.03 -20.31 -42.01
CA ALA A 121 -2.61 -21.39 -42.91
C ALA A 121 -3.48 -21.44 -44.17
N THR A 122 -4.80 -21.18 -44.04
CA THR A 122 -5.72 -21.16 -45.19
C THR A 122 -5.55 -19.86 -45.98
N VAL A 123 -5.44 -18.71 -45.29
CA VAL A 123 -5.27 -17.37 -45.88
C VAL A 123 -3.89 -17.23 -46.58
N PHE A 124 -2.83 -17.87 -46.04
CA PHE A 124 -1.49 -17.78 -46.64
C PHE A 124 -1.11 -19.03 -47.47
N ARG A 125 -2.09 -19.94 -47.67
CA ARG A 125 -2.01 -21.15 -48.50
C ARG A 125 -0.87 -22.11 -48.15
N GLN A 126 -0.52 -22.24 -46.85
CA GLN A 126 0.57 -23.13 -46.45
C GLN A 126 0.29 -23.90 -45.18
N PRO A 127 0.55 -25.24 -45.13
CA PRO A 127 0.39 -25.97 -43.84
C PRO A 127 1.56 -25.55 -42.93
N LEU A 128 1.28 -24.61 -42.00
CA LEU A 128 2.23 -23.93 -41.12
C LEU A 128 3.13 -24.82 -40.23
N VAL A 129 4.39 -24.37 -40.01
CA VAL A 129 5.39 -25.00 -39.16
C VAL A 129 5.05 -24.75 -37.68
N GLU A 130 4.56 -23.52 -37.38
CA GLU A 130 4.19 -23.05 -36.05
C GLU A 130 3.00 -23.79 -35.44
N GLN A 131 3.16 -24.13 -34.16
CA GLN A 131 2.19 -24.78 -33.27
C GLN A 131 1.67 -23.72 -32.30
N PRO A 132 0.43 -23.85 -31.74
CA PRO A 132 -0.08 -22.81 -30.83
C PRO A 132 0.66 -22.69 -29.50
N GLU A 133 1.46 -23.70 -29.14
CA GLU A 133 2.29 -23.75 -27.93
C GLU A 133 3.46 -22.75 -28.02
N GLU A 134 3.77 -22.26 -29.24
CA GLU A 134 4.87 -21.32 -29.53
C GLU A 134 4.48 -19.84 -29.41
N TYR A 135 3.21 -19.54 -29.03
CA TYR A 135 2.69 -18.18 -28.98
C TYR A 135 2.04 -17.81 -27.67
N ALA A 136 1.88 -16.49 -27.48
CA ALA A 136 1.09 -15.90 -26.42
C ALA A 136 0.21 -14.79 -27.07
N LEU A 137 -0.89 -14.48 -26.44
CA LEU A 137 -1.79 -13.45 -26.92
C LEU A 137 -1.58 -12.12 -26.23
N GLN A 138 -1.11 -11.10 -26.94
CA GLN A 138 -0.99 -9.78 -26.36
C GLN A 138 -2.35 -9.05 -26.50
N VAL A 139 -2.80 -8.36 -25.43
CA VAL A 139 -3.97 -7.47 -25.52
C VAL A 139 -3.39 -6.26 -26.35
N ASN A 140 -3.99 -5.90 -27.50
CA ASN A 140 -3.52 -4.86 -28.43
C ASN A 140 -3.15 -3.52 -27.76
N GLY A 141 -1.94 -3.03 -28.05
CA GLY A 141 -1.41 -1.78 -27.50
C GLY A 141 -1.34 -1.69 -25.98
N ARG A 142 -1.22 -2.85 -25.28
CA ARG A 142 -1.09 -2.92 -23.81
C ARG A 142 0.02 -3.87 -23.46
N HIS A 143 0.66 -3.67 -22.29
CA HIS A 143 1.67 -4.61 -21.78
C HIS A 143 0.92 -5.62 -20.94
N GLU A 144 0.10 -6.41 -21.61
CA GLU A 144 -0.81 -7.40 -21.04
C GLU A 144 -0.92 -8.53 -22.02
N TYR A 145 -0.88 -9.77 -21.50
CA TYR A 145 -0.91 -10.99 -22.28
C TYR A 145 -1.87 -12.02 -21.70
N LEU A 146 -2.41 -12.86 -22.56
CA LEU A 146 -3.30 -13.94 -22.16
C LEU A 146 -2.57 -15.21 -22.53
N TYR A 147 -2.22 -16.00 -21.50
CA TYR A 147 -1.50 -17.28 -21.65
C TYR A 147 -1.90 -18.17 -20.46
N GLY A 148 -1.50 -19.43 -20.54
CA GLY A 148 -1.75 -20.42 -19.50
C GLY A 148 -3.05 -21.19 -19.65
N ASN A 149 -3.20 -22.22 -18.78
CA ASN A 149 -4.34 -23.14 -18.72
C ASN A 149 -5.50 -22.55 -17.91
N TYR A 150 -6.15 -21.53 -18.47
CA TYR A 150 -7.27 -20.85 -17.85
C TYR A 150 -8.31 -20.56 -18.91
N PRO A 151 -9.62 -20.78 -18.66
CA PRO A 151 -10.63 -20.38 -19.64
C PRO A 151 -10.58 -18.87 -19.82
N LEU A 152 -11.01 -18.38 -20.99
CA LEU A 152 -10.96 -16.96 -21.36
C LEU A 152 -11.73 -16.02 -20.39
N CYS A 153 -12.85 -16.46 -19.79
CA CYS A 153 -13.64 -15.59 -18.90
C CYS A 153 -12.93 -15.29 -17.55
N HIS A 154 -11.92 -16.12 -17.20
CA HIS A 154 -11.11 -15.98 -15.99
C HIS A 154 -10.07 -14.83 -16.08
N PHE A 155 -9.83 -14.30 -17.29
CA PHE A 155 -8.89 -13.20 -17.51
C PHE A 155 -9.64 -11.92 -17.32
N GLN A 156 -9.06 -11.01 -16.55
CA GLN A 156 -9.67 -9.70 -16.26
C GLN A 156 -10.11 -8.95 -17.54
N TYR A 157 -9.26 -8.96 -18.59
CA TYR A 157 -9.49 -8.28 -19.86
C TYR A 157 -10.75 -8.80 -20.58
N ILE A 158 -10.85 -10.12 -20.75
CA ILE A 158 -11.99 -10.75 -21.39
C ILE A 158 -13.24 -10.48 -20.56
N CYS A 159 -13.16 -10.70 -19.22
CA CYS A 159 -14.25 -10.42 -18.27
C CYS A 159 -14.76 -8.98 -18.45
N SER A 160 -13.84 -8.02 -18.56
CA SER A 160 -14.12 -6.61 -18.77
C SER A 160 -14.83 -6.39 -20.13
N CYS A 161 -14.35 -7.06 -21.19
CA CYS A 161 -14.90 -6.95 -22.54
C CYS A 161 -16.35 -7.43 -22.59
N LEU A 162 -16.63 -8.55 -21.91
CA LEU A 162 -17.96 -9.15 -21.79
C LEU A 162 -18.96 -8.21 -21.11
N HIS A 163 -18.60 -7.66 -19.94
CA HIS A 163 -19.47 -6.76 -19.20
C HIS A 163 -19.76 -5.46 -19.95
N SER A 164 -18.73 -4.88 -20.63
CA SER A 164 -18.86 -3.65 -21.41
C SER A 164 -19.51 -3.86 -22.80
N GLY A 165 -19.61 -5.12 -23.25
CA GLY A 165 -20.15 -5.50 -24.54
C GLY A 165 -19.16 -5.37 -25.70
N LEU A 166 -17.94 -4.87 -25.44
CA LEU A 166 -16.86 -4.68 -26.42
C LEU A 166 -16.21 -6.01 -26.84
N THR A 167 -15.60 -6.04 -28.06
CA THR A 167 -14.94 -7.22 -28.64
C THR A 167 -13.43 -7.28 -28.30
N PRO A 168 -12.97 -8.34 -27.61
CA PRO A 168 -11.52 -8.46 -27.33
C PRO A 168 -10.63 -8.37 -28.60
N HIS A 169 -9.55 -7.57 -28.56
CA HIS A 169 -8.61 -7.42 -29.67
C HIS A 169 -7.24 -7.93 -29.24
N LEU A 170 -6.80 -9.05 -29.82
CA LEU A 170 -5.57 -9.75 -29.45
C LEU A 170 -4.53 -9.89 -30.55
N THR A 171 -3.25 -9.99 -30.17
CA THR A 171 -2.17 -10.15 -31.14
C THR A 171 -1.43 -11.43 -30.81
N MET A 172 -1.24 -12.28 -31.82
CA MET A 172 -0.47 -13.51 -31.68
C MET A 172 0.97 -13.12 -31.74
N VAL A 173 1.68 -13.34 -30.61
CA VAL A 173 3.11 -12.99 -30.48
C VAL A 173 3.90 -14.28 -30.30
N HIS A 174 4.85 -14.49 -31.20
CA HIS A 174 5.69 -15.69 -31.22
C HIS A 174 6.77 -15.67 -30.13
N SER A 175 7.09 -16.85 -29.60
CA SER A 175 8.14 -17.09 -28.59
C SER A 175 9.45 -16.35 -28.92
N SER A 176 9.82 -16.27 -30.22
CA SER A 176 11.04 -15.60 -30.70
C SER A 176 10.95 -14.09 -30.51
N SER A 177 9.75 -13.50 -30.62
CA SER A 177 9.56 -12.07 -30.42
C SER A 177 9.68 -11.72 -28.94
N ILE A 178 9.16 -12.58 -28.03
CA ILE A 178 9.25 -12.46 -26.57
C ILE A 178 10.72 -12.62 -26.14
N LEU A 179 11.44 -13.57 -26.75
CA LEU A 179 12.85 -13.78 -26.44
C LEU A 179 13.71 -12.58 -26.85
N ALA A 180 13.35 -11.92 -27.97
CA ALA A 180 14.03 -10.71 -28.44
C ALA A 180 13.76 -9.57 -27.41
N MET A 181 12.59 -9.57 -26.77
CA MET A 181 12.20 -8.63 -25.72
C MET A 181 13.12 -8.80 -24.52
N ARG A 182 13.28 -10.07 -24.04
CA ARG A 182 14.15 -10.44 -22.92
C ARG A 182 15.60 -10.01 -23.16
N ASP A 183 16.12 -10.23 -24.37
CA ASP A 183 17.52 -9.92 -24.70
C ASP A 183 17.81 -8.43 -24.82
N GLU A 184 16.85 -7.65 -25.35
CA GLU A 184 16.92 -6.19 -25.52
C GLU A 184 16.97 -5.50 -24.15
N GLN A 185 16.34 -6.13 -23.16
CA GLN A 185 16.16 -5.62 -21.81
C GLN A 185 17.13 -6.16 -20.78
N SER A 186 18.24 -6.77 -21.22
CA SER A 186 19.23 -7.32 -20.30
C SER A 186 20.13 -6.25 -19.69
N ASN A 187 20.66 -6.51 -18.46
CA ASN A 187 21.64 -5.64 -17.80
C ASN A 187 22.91 -5.60 -18.66
N PRO A 188 23.65 -4.46 -18.77
CA PRO A 188 24.88 -4.48 -19.59
C PRO A 188 25.95 -5.34 -18.95
N ALA A 189 26.84 -5.93 -19.80
CA ALA A 189 27.94 -6.82 -19.41
C ALA A 189 28.93 -6.19 -18.42
N SER A 211 30.78 -12.07 27.58
CA SER A 211 29.40 -12.51 27.42
C SER A 211 28.43 -11.58 28.15
N LEU A 212 27.41 -11.10 27.41
CA LEU A 212 26.36 -10.20 27.86
C LEU A 212 25.62 -10.69 29.11
N TRP A 213 25.32 -12.01 29.17
CA TRP A 213 24.55 -12.67 30.23
C TRP A 213 25.18 -12.66 31.62
N SER A 214 26.48 -12.31 31.73
CA SER A 214 27.21 -12.23 32.99
C SER A 214 27.18 -10.77 33.48
N LEU A 215 26.87 -9.82 32.59
CA LEU A 215 26.82 -8.39 32.94
C LEU A 215 25.55 -8.06 33.76
N GLU A 216 25.62 -8.25 35.10
CA GLU A 216 24.49 -8.03 36.02
C GLU A 216 24.23 -6.58 36.46
N GLN A 217 25.23 -5.68 36.35
CA GLN A 217 25.12 -4.26 36.77
C GLN A 217 23.93 -3.53 36.06
N PRO A 218 23.24 -2.58 36.76
CA PRO A 218 22.11 -1.89 36.11
C PRO A 218 22.52 -1.10 34.87
N PHE A 219 21.64 -1.02 33.86
CA PHE A 219 21.96 -0.23 32.66
C PHE A 219 21.98 1.24 33.04
N SER A 220 22.99 1.95 32.56
CA SER A 220 23.18 3.38 32.85
C SER A 220 23.89 4.08 31.70
N ILE A 221 23.69 5.40 31.58
CA ILE A 221 24.32 6.26 30.56
C ILE A 221 24.71 7.56 31.23
N GLU A 222 25.52 8.36 30.55
CA GLU A 222 25.87 9.71 30.99
C GLU A 222 25.20 10.68 30.01
N LEU A 223 24.43 11.64 30.54
CA LEU A 223 23.79 12.70 29.75
C LEU A 223 24.76 13.87 29.89
N ILE A 224 25.56 14.11 28.85
CA ILE A 224 26.58 15.16 28.92
C ILE A 224 25.99 16.55 28.67
N GLU A 225 25.64 16.88 27.43
CA GLU A 225 25.16 18.22 27.10
C GLU A 225 24.21 18.25 25.90
N GLY A 226 23.62 19.43 25.70
CA GLY A 226 22.72 19.74 24.59
C GLY A 226 23.32 20.86 23.77
N ARG A 227 22.97 20.92 22.50
CA ARG A 227 23.43 21.96 21.56
C ARG A 227 22.26 22.42 20.72
N LYS A 228 22.27 23.69 20.29
CA LYS A 228 21.29 24.34 19.39
C LYS A 228 19.83 24.22 19.90
N VAL A 229 19.65 24.30 21.22
CA VAL A 229 18.34 24.21 21.89
C VAL A 229 17.62 25.56 21.87
N ASN A 230 16.34 25.57 21.47
CA ASN A 230 15.52 26.77 21.41
C ASN A 230 14.27 26.60 22.27
N ALA A 231 14.16 27.41 23.32
CA ALA A 231 13.01 27.40 24.23
C ALA A 231 12.96 28.70 25.01
N ASP A 232 11.80 28.97 25.63
CA ASP A 232 11.53 30.13 26.47
C ASP A 232 12.53 30.15 27.65
N GLU A 233 13.32 31.24 27.76
CA GLU A 233 14.37 31.42 28.78
C GLU A 233 13.84 31.50 30.23
N ARG A 234 12.52 31.68 30.39
CA ARG A 234 11.83 31.74 31.68
C ARG A 234 11.66 30.31 32.27
N MET A 235 11.86 29.28 31.43
CA MET A 235 11.64 27.87 31.79
C MET A 235 12.92 27.06 32.07
N LYS A 236 12.75 25.76 32.36
CA LYS A 236 13.86 24.84 32.62
C LYS A 236 13.83 23.66 31.66
N LEU A 237 15.01 23.10 31.34
CA LEU A 237 15.14 21.94 30.45
C LEU A 237 15.24 20.63 31.22
N VAL A 238 14.51 19.60 30.75
CA VAL A 238 14.48 18.24 31.32
C VAL A 238 14.58 17.24 30.18
N VAL A 239 15.40 16.19 30.39
CA VAL A 239 15.55 15.08 29.45
C VAL A 239 14.93 13.83 30.10
N GLN A 240 13.83 13.33 29.49
CA GLN A 240 13.14 12.11 29.89
C GLN A 240 13.76 10.97 29.05
N ALA A 241 14.14 9.87 29.71
CA ALA A 241 14.77 8.73 29.06
C ALA A 241 14.02 7.43 29.35
N GLY A 242 13.78 6.65 28.29
CA GLY A 242 13.07 5.39 28.40
C GLY A 242 13.71 4.26 27.63
N LEU A 243 13.58 3.02 28.13
CA LEU A 243 14.07 1.82 27.48
C LEU A 243 12.90 1.02 27.01
N PHE A 244 12.86 0.74 25.70
CA PHE A 244 11.75 0.11 25.03
C PHE A 244 12.11 -1.08 24.16
N HIS A 245 11.18 -2.02 24.11
CA HIS A 245 11.21 -3.16 23.22
C HIS A 245 9.88 -2.96 22.45
N GLY A 246 9.99 -2.29 21.30
CA GLY A 246 8.82 -1.92 20.53
C GLY A 246 8.07 -0.80 21.23
N ASN A 247 6.80 -1.05 21.56
CA ASN A 247 5.96 -0.09 22.27
C ASN A 247 6.06 -0.23 23.78
N GLU A 248 6.52 -1.38 24.26
CA GLU A 248 6.58 -1.69 25.69
C GLU A 248 7.86 -1.23 26.40
N MET A 249 7.66 -0.66 27.60
CA MET A 249 8.77 -0.21 28.46
C MET A 249 9.45 -1.45 29.05
N LEU A 250 10.79 -1.47 29.02
CA LEU A 250 11.62 -2.56 29.59
C LEU A 250 11.87 -2.34 31.09
N CYS A 251 11.60 -1.10 31.55
CA CYS A 251 11.73 -0.60 32.92
C CYS A 251 11.04 0.78 33.00
N LYS A 252 11.03 1.40 34.17
CA LYS A 252 10.42 2.73 34.36
C LYS A 252 11.26 3.81 33.67
N THR A 253 10.61 4.91 33.27
CA THR A 253 11.33 6.01 32.63
C THR A 253 12.10 6.79 33.71
N VAL A 254 13.21 7.45 33.32
CA VAL A 254 14.06 8.25 34.22
C VAL A 254 14.23 9.68 33.67
N SER A 255 14.24 10.67 34.56
CA SER A 255 14.41 12.06 34.12
C SER A 255 15.70 12.66 34.64
N SER A 256 16.20 13.68 33.92
CA SER A 256 17.39 14.44 34.31
C SER A 256 16.95 15.45 35.38
N SER A 257 17.87 16.30 35.82
CA SER A 257 17.50 17.37 36.74
C SER A 257 17.13 18.61 35.90
N GLU A 258 16.38 19.54 36.50
CA GLU A 258 15.97 20.78 35.87
C GLU A 258 17.18 21.70 35.85
N VAL A 259 17.61 22.02 34.63
CA VAL A 259 18.74 22.88 34.27
C VAL A 259 18.09 24.11 33.61
N ASN A 260 18.66 25.32 33.76
CA ASN A 260 18.08 26.55 33.17
C ASN A 260 18.17 26.55 31.65
N VAL A 261 17.07 26.97 30.97
CA VAL A 261 16.98 27.07 29.52
C VAL A 261 18.10 27.96 28.97
N CYS A 262 18.85 27.42 28.00
CA CYS A 262 19.93 28.05 27.25
C CYS A 262 20.26 27.21 25.99
N SER A 263 21.00 27.80 25.03
CA SER A 263 21.42 27.21 23.74
C SER A 263 22.28 25.96 23.90
N GLU A 264 23.16 25.93 24.90
CA GLU A 264 24.05 24.79 25.18
C GLU A 264 23.89 24.29 26.64
N PRO A 265 22.79 23.58 27.00
CA PRO A 265 22.66 23.09 28.40
C PRO A 265 23.66 22.00 28.75
N VAL A 266 24.21 22.05 29.95
CA VAL A 266 25.18 21.06 30.42
C VAL A 266 24.62 20.29 31.62
N TRP A 267 24.50 18.96 31.47
CA TRP A 267 24.03 18.08 32.55
C TRP A 267 25.20 17.36 33.23
N LYS A 268 25.99 16.56 32.44
CA LYS A 268 27.15 15.76 32.90
C LYS A 268 26.75 14.85 34.06
N GLN A 269 25.61 14.14 33.90
CA GLN A 269 25.07 13.26 34.95
C GLN A 269 24.70 11.87 34.47
N ARG A 270 24.77 10.92 35.42
CA ARG A 270 24.45 9.50 35.21
C ARG A 270 22.97 9.23 35.34
N LEU A 271 22.41 8.57 34.33
CA LEU A 271 21.01 8.16 34.34
C LEU A 271 21.03 6.64 34.47
N GLU A 272 20.45 6.11 35.57
CA GLU A 272 20.42 4.67 35.84
C GLU A 272 19.04 4.05 35.77
N PHE A 273 18.93 2.95 35.03
CA PHE A 273 17.68 2.23 34.76
C PHE A 273 17.55 0.98 35.60
N ASP A 274 16.30 0.61 35.93
CA ASP A 274 16.01 -0.58 36.73
C ASP A 274 15.86 -1.81 35.82
N ILE A 275 17.01 -2.22 35.24
CA ILE A 275 17.19 -3.36 34.33
C ILE A 275 18.69 -3.68 34.21
N SER A 276 19.04 -4.96 34.40
CA SER A 276 20.42 -5.43 34.30
C SER A 276 20.87 -5.37 32.85
N VAL A 277 22.19 -5.20 32.61
CA VAL A 277 22.72 -5.14 31.25
C VAL A 277 22.52 -6.52 30.55
N CYS A 278 22.53 -7.62 31.33
CA CYS A 278 22.30 -8.98 30.83
C CYS A 278 20.90 -9.21 30.27
N ASP A 279 19.91 -8.45 30.76
CA ASP A 279 18.48 -8.53 30.40
C ASP A 279 18.06 -7.64 29.24
N LEU A 280 19.00 -6.89 28.65
CA LEU A 280 18.66 -6.04 27.51
C LEU A 280 18.30 -6.94 26.30
N PRO A 281 17.07 -6.90 25.74
CA PRO A 281 16.83 -7.74 24.56
C PRO A 281 17.54 -7.14 23.36
N ARG A 282 17.83 -7.97 22.35
CA ARG A 282 18.50 -7.57 21.10
C ARG A 282 17.96 -6.25 20.49
N MET A 283 16.63 -6.12 20.42
CA MET A 283 15.94 -4.97 19.81
C MET A 283 15.58 -3.88 20.82
N ALA A 284 16.39 -3.74 21.89
CA ALA A 284 16.20 -2.71 22.91
C ALA A 284 16.56 -1.34 22.31
N ARG A 285 15.68 -0.36 22.50
CA ARG A 285 15.90 1.01 22.06
C ARG A 285 15.85 1.99 23.23
N LEU A 286 16.83 2.91 23.25
CA LEU A 286 16.94 3.96 24.25
C LEU A 286 16.31 5.18 23.60
N CYS A 287 15.27 5.71 24.24
CA CYS A 287 14.47 6.82 23.75
C CYS A 287 14.57 8.07 24.58
N PHE A 288 14.78 9.21 23.92
CA PHE A 288 14.94 10.49 24.58
C PHE A 288 13.91 11.50 24.21
N ALA A 289 13.58 12.39 25.14
CA ALA A 289 12.69 13.52 24.88
C ALA A 289 13.16 14.72 25.69
N LEU A 290 13.51 15.80 24.96
CA LEU A 290 13.97 17.05 25.54
C LEU A 290 12.75 17.95 25.65
N TYR A 291 12.50 18.50 26.84
CA TYR A 291 11.34 19.37 26.97
C TYR A 291 11.58 20.49 27.97
N ALA A 292 10.72 21.51 27.91
CA ALA A 292 10.78 22.67 28.79
C ALA A 292 9.63 22.64 29.78
N VAL A 293 9.91 22.98 31.04
CA VAL A 293 8.93 23.00 32.13
C VAL A 293 8.82 24.37 32.80
N VAL A 294 7.58 24.75 33.19
CA VAL A 294 7.27 25.98 33.92
C VAL A 294 7.65 25.79 35.38
N ASP A 311 4.08 21.33 30.74
CA ASP A 311 5.06 20.69 29.89
C ASP A 311 5.12 21.37 28.51
N CYS A 312 6.31 21.39 27.88
CA CYS A 312 6.56 22.01 26.59
C CYS A 312 7.56 21.14 25.75
N PRO A 313 7.07 20.19 24.89
CA PRO A 313 8.00 19.35 24.13
C PRO A 313 8.87 20.09 23.09
N ILE A 314 10.19 19.82 23.13
CA ILE A 314 11.12 20.45 22.21
C ILE A 314 11.55 19.47 21.13
N ALA A 315 12.21 18.37 21.52
CA ALA A 315 12.71 17.39 20.58
C ALA A 315 12.74 15.97 21.15
N TRP A 316 13.05 14.98 20.29
CA TRP A 316 13.14 13.56 20.64
C TRP A 316 14.22 12.91 19.76
N ALA A 317 14.81 11.80 20.24
CA ALA A 317 15.86 11.03 19.55
C ALA A 317 15.89 9.63 20.13
N ASN A 318 16.09 8.63 19.30
CA ASN A 318 16.13 7.24 19.71
C ASN A 318 17.36 6.59 19.13
N LEU A 319 17.82 5.54 19.76
CA LEU A 319 18.94 4.75 19.28
C LEU A 319 18.84 3.30 19.77
N MET A 320 19.33 2.36 18.96
CA MET A 320 19.38 0.96 19.33
C MET A 320 20.60 0.83 20.21
N LEU A 321 20.56 -0.04 21.26
CA LEU A 321 21.66 -0.29 22.18
C LEU A 321 22.74 -1.20 21.57
N PHE A 322 22.35 -2.08 20.66
CA PHE A 322 23.25 -2.95 19.89
C PHE A 322 23.28 -2.41 18.46
N ASP A 323 24.45 -2.47 17.79
CA ASP A 323 24.57 -2.02 16.39
C ASP A 323 24.07 -3.12 15.45
N TYR A 324 24.23 -2.91 14.14
CA TYR A 324 23.77 -3.84 13.11
C TYR A 324 24.58 -5.16 13.10
N LYS A 325 25.77 -5.16 13.69
CA LYS A 325 26.64 -6.34 13.82
C LYS A 325 26.53 -6.97 15.23
N ASP A 326 25.41 -6.70 15.94
CA ASP A 326 25.06 -7.19 17.29
C ASP A 326 25.97 -6.71 18.43
N GLN A 327 26.91 -5.78 18.16
CA GLN A 327 27.80 -5.26 19.21
C GLN A 327 27.09 -4.27 20.09
N LEU A 328 27.34 -4.36 21.42
CA LEU A 328 26.73 -3.45 22.37
C LEU A 328 27.46 -2.11 22.23
N LYS A 329 26.70 -1.03 22.02
CA LYS A 329 27.30 0.28 21.80
C LYS A 329 27.97 0.87 23.04
N THR A 330 29.17 1.42 22.86
CA THR A 330 29.95 2.13 23.88
C THR A 330 30.52 3.41 23.25
N GLY A 331 30.85 4.38 24.09
CA GLY A 331 31.44 5.65 23.67
C GLY A 331 30.48 6.81 23.64
N GLU A 332 30.99 7.95 23.14
CA GLU A 332 30.22 9.17 23.00
C GLU A 332 29.30 9.07 21.79
N ARG A 333 28.07 9.57 21.94
CA ARG A 333 27.10 9.57 20.85
C ARG A 333 26.46 10.94 20.75
N CYS A 334 26.51 11.53 19.56
CA CYS A 334 25.85 12.79 19.33
C CYS A 334 24.55 12.46 18.62
N LEU A 335 23.45 12.78 19.28
CA LEU A 335 22.12 12.46 18.80
C LEU A 335 21.43 13.72 18.25
N TYR A 336 21.39 13.84 16.91
CA TYR A 336 20.73 14.94 16.22
C TYR A 336 19.23 14.72 16.29
N MET A 337 18.60 15.47 17.18
CA MET A 337 17.20 15.33 17.56
C MET A 337 16.21 15.80 16.54
N TRP A 338 15.02 15.20 16.59
CA TRP A 338 13.88 15.52 15.72
C TRP A 338 12.90 16.44 16.44
N PRO A 339 12.33 17.43 15.73
CA PRO A 339 11.36 18.34 16.37
C PRO A 339 10.09 17.64 16.86
N SER A 340 9.61 18.00 18.05
CA SER A 340 8.40 17.37 18.59
C SER A 340 7.15 18.12 18.17
N VAL A 341 6.15 17.37 17.65
CA VAL A 341 4.88 17.89 17.13
C VAL A 341 3.82 17.90 18.24
N LEU A 348 5.20 11.86 25.83
CA LEU A 348 6.27 12.68 25.24
C LEU A 348 7.32 11.84 24.52
N LEU A 349 7.67 10.65 25.10
CA LEU A 349 8.63 9.74 24.46
C LEU A 349 8.03 9.12 23.20
N ASN A 350 8.85 8.99 22.15
CA ASN A 350 8.39 8.45 20.88
C ASN A 350 9.07 7.11 20.49
N PRO A 351 8.78 5.95 21.16
CA PRO A 351 9.49 4.70 20.83
C PRO A 351 9.37 4.23 19.37
N ALA A 352 8.22 4.47 18.69
CA ALA A 352 8.05 4.06 17.29
C ALA A 352 8.89 4.89 16.30
N GLY A 353 9.41 6.03 16.76
CA GLY A 353 10.24 6.92 15.95
C GLY A 353 11.53 6.27 15.49
N THR A 354 12.03 6.66 14.31
CA THR A 354 13.29 6.19 13.71
C THR A 354 14.46 6.25 14.71
N VAL A 355 15.43 5.36 14.53
CA VAL A 355 16.62 5.24 15.37
C VAL A 355 17.84 5.84 14.70
N ARG A 356 17.61 6.65 13.67
CA ARG A 356 18.67 7.38 12.97
C ARG A 356 18.49 8.86 13.27
N GLY A 357 19.61 9.56 13.35
CA GLY A 357 19.67 10.97 13.66
C GLY A 357 19.14 11.85 12.57
N ASN A 358 18.74 13.08 12.96
CA ASN A 358 18.23 14.11 12.06
C ASN A 358 19.37 14.53 11.10
N PRO A 359 19.19 14.38 9.75
CA PRO A 359 20.28 14.72 8.81
C PRO A 359 20.64 16.21 8.75
N ASN A 360 19.70 17.09 9.11
CA ASN A 360 19.89 18.54 9.17
C ASN A 360 20.65 18.89 10.44
N THR A 361 21.96 18.60 10.46
CA THR A 361 22.85 18.83 11.61
C THR A 361 23.05 20.33 11.92
N GLU A 362 22.89 21.22 10.92
CA GLU A 362 23.04 22.67 11.07
C GLU A 362 21.96 23.33 11.92
N SER A 363 20.70 22.91 11.80
CA SER A 363 19.59 23.49 12.57
C SER A 363 19.07 22.63 13.75
N ALA A 364 19.37 21.31 13.75
CA ALA A 364 18.91 20.38 14.78
C ALA A 364 19.55 20.54 16.15
N ALA A 365 18.70 20.35 17.18
CA ALA A 365 19.12 20.29 18.57
C ALA A 365 19.85 18.95 18.67
N ALA A 366 20.92 18.89 19.46
CA ALA A 366 21.69 17.66 19.59
C ALA A 366 21.91 17.34 21.04
N LEU A 367 21.77 16.04 21.42
CA LEU A 367 22.04 15.56 22.77
C LEU A 367 23.31 14.77 22.66
N VAL A 368 24.26 15.05 23.53
CA VAL A 368 25.54 14.36 23.60
C VAL A 368 25.44 13.44 24.82
N ILE A 369 25.53 12.14 24.58
CA ILE A 369 25.41 11.12 25.62
C ILE A 369 26.66 10.24 25.62
N TYR A 370 26.89 9.49 26.71
CA TYR A 370 28.02 8.57 26.79
C TYR A 370 27.51 7.18 27.21
N LEU A 371 27.82 6.17 26.39
CA LEU A 371 27.45 4.78 26.67
C LEU A 371 28.70 4.13 27.31
N PRO A 372 28.65 3.83 28.63
CA PRO A 372 29.87 3.31 29.29
C PRO A 372 30.37 1.95 28.84
N GLU A 373 31.69 1.76 28.92
CA GLU A 373 32.42 0.54 28.59
C GLU A 373 32.23 -0.41 29.77
N VAL A 374 31.25 -1.32 29.62
CA VAL A 374 30.79 -2.31 30.60
C VAL A 374 31.71 -3.53 30.73
N ALA A 375 32.71 -3.66 29.84
CA ALA A 375 33.66 -4.79 29.77
C ALA A 375 34.95 -4.36 29.05
N PRO A 376 36.13 -4.95 29.37
CA PRO A 376 37.37 -4.53 28.69
C PRO A 376 37.54 -5.08 27.27
N HIS A 377 36.51 -5.81 26.76
CA HIS A 377 36.48 -6.42 25.43
C HIS A 377 35.11 -6.21 24.77
N PRO A 378 34.99 -6.15 23.42
CA PRO A 378 33.67 -5.98 22.80
C PRO A 378 32.70 -7.11 23.18
N VAL A 379 31.46 -6.71 23.52
CA VAL A 379 30.35 -7.59 23.91
C VAL A 379 29.29 -7.60 22.80
N TYR A 380 29.01 -8.80 22.30
CA TYR A 380 28.04 -9.04 21.25
C TYR A 380 26.83 -9.73 21.82
N PHE A 381 25.66 -9.57 21.16
CA PHE A 381 24.46 -10.30 21.60
C PHE A 381 24.71 -11.80 21.33
N PRO A 382 24.36 -12.71 22.27
CA PRO A 382 24.61 -14.14 22.02
C PRO A 382 24.00 -14.68 20.73
N ALA A 383 24.71 -15.59 20.05
CA ALA A 383 24.25 -16.24 18.81
C ALA A 383 23.02 -17.11 19.11
N LEU A 384 22.21 -17.42 18.07
CA LEU A 384 21.00 -18.27 18.16
C LEU A 384 21.24 -19.60 18.91
N GLU A 385 22.37 -20.27 18.61
CA GLU A 385 22.84 -21.53 19.24
C GLU A 385 22.89 -21.44 20.77
N LYS A 386 23.46 -20.35 21.32
CA LYS A 386 23.52 -20.15 22.78
C LYS A 386 22.14 -19.83 23.35
N ILE A 387 21.29 -19.08 22.60
CA ILE A 387 19.93 -18.75 23.06
C ILE A 387 19.12 -20.06 23.16
N LEU A 388 19.19 -20.90 22.11
CA LEU A 388 18.48 -22.19 22.06
C LEU A 388 18.93 -23.12 23.17
N GLU A 389 20.24 -23.10 23.51
CA GLU A 389 20.82 -23.89 24.60
C GLU A 389 20.16 -23.54 25.93
N LEU A 390 20.00 -22.22 26.21
CA LEU A 390 19.39 -21.71 27.45
C LEU A 390 17.87 -21.97 27.52
N GLY A 391 17.16 -21.72 26.40
CA GLY A 391 15.72 -21.90 26.28
C GLY A 391 15.23 -23.33 26.20
N ARG A 392 16.11 -24.25 25.78
CA ARG A 392 15.90 -25.71 25.66
C ARG A 392 15.38 -26.32 26.97
N HIS A 393 15.86 -25.79 28.11
CA HIS A 393 15.51 -26.26 29.46
C HIS A 393 14.38 -25.43 30.06
N GLY A 394 13.45 -26.10 30.70
CA GLY A 394 12.30 -25.46 31.35
C GLY A 394 11.09 -26.37 31.44
N GLU A 395 10.60 -26.59 32.69
CA GLU A 395 9.45 -27.43 33.05
C GLU A 395 8.24 -27.22 32.13
N ARG A 396 7.63 -28.34 31.69
CA ARG A 396 6.43 -28.35 30.84
C ARG A 396 5.16 -28.26 31.69
N GLY A 397 4.11 -27.68 31.11
CA GLY A 397 2.83 -27.45 31.76
C GLY A 397 1.99 -28.70 32.00
N ARG A 398 1.78 -29.03 33.29
CA ARG A 398 0.96 -30.15 33.73
C ARG A 398 -0.20 -29.57 34.55
N ILE A 399 -1.38 -29.42 33.91
CA ILE A 399 -2.57 -28.84 34.55
C ILE A 399 -3.83 -29.68 34.35
N THR A 400 -4.90 -29.33 35.10
CA THR A 400 -6.21 -29.96 35.08
C THR A 400 -6.99 -29.64 33.79
N GLU A 401 -8.04 -30.44 33.50
CA GLU A 401 -8.94 -30.28 32.34
C GLU A 401 -9.73 -28.97 32.44
N GLU A 402 -10.04 -28.52 33.68
CA GLU A 402 -10.77 -27.29 33.98
C GLU A 402 -9.91 -26.05 33.66
N GLU A 403 -8.62 -26.10 34.06
CA GLU A 403 -7.64 -25.03 33.80
C GLU A 403 -7.23 -25.02 32.32
N GLN A 404 -7.40 -26.17 31.62
CA GLN A 404 -7.16 -26.36 30.19
C GLN A 404 -8.33 -25.70 29.44
N LEU A 405 -9.54 -25.75 30.03
CA LEU A 405 -10.75 -25.16 29.49
C LEU A 405 -10.73 -23.63 29.59
N GLN A 406 -10.10 -23.10 30.65
CA GLN A 406 -9.94 -21.66 30.86
C GLN A 406 -8.94 -21.09 29.86
N LEU A 407 -7.87 -21.87 29.56
CA LEU A 407 -6.82 -21.55 28.60
C LEU A 407 -7.39 -21.56 27.17
N ARG A 408 -8.20 -22.58 26.81
CA ARG A 408 -8.85 -22.70 25.49
C ARG A 408 -9.80 -21.52 25.24
N GLU A 409 -10.50 -21.05 26.30
CA GLU A 409 -11.43 -19.92 26.29
C GLU A 409 -10.73 -18.60 25.89
N ILE A 410 -9.53 -18.33 26.47
CA ILE A 410 -8.79 -17.10 26.23
C ILE A 410 -7.91 -17.16 24.95
N LEU A 411 -7.43 -18.35 24.55
CA LEU A 411 -6.61 -18.48 23.34
C LEU A 411 -7.44 -18.39 22.06
N GLU A 412 -8.76 -18.69 22.17
CA GLU A 412 -9.72 -18.65 21.06
C GLU A 412 -10.54 -17.33 21.12
N ARG A 413 -10.13 -16.38 21.99
CA ARG A 413 -10.79 -15.08 22.18
C ARG A 413 -10.33 -14.07 21.14
N GLY A 417 -7.72 -8.08 22.08
CA GLY A 417 -8.21 -8.81 23.24
C GLY A 417 -7.26 -8.84 24.44
N GLU A 418 -7.31 -7.78 25.28
CA GLU A 418 -6.49 -7.63 26.49
C GLU A 418 -6.78 -8.71 27.56
N LEU A 419 -5.76 -9.01 28.42
CA LEU A 419 -5.82 -10.05 29.46
C LEU A 419 -5.49 -9.53 30.86
N TYR A 420 -6.02 -10.20 31.92
CA TYR A 420 -5.68 -9.90 33.31
C TYR A 420 -4.40 -10.66 33.66
N GLU A 421 -3.64 -10.15 34.65
CA GLU A 421 -2.33 -10.70 35.06
C GLU A 421 -2.33 -12.21 35.32
N HIS A 422 -3.37 -12.77 35.95
CA HIS A 422 -3.44 -14.22 36.24
C HIS A 422 -3.59 -15.07 34.96
N GLU A 423 -4.29 -14.53 33.93
CA GLU A 423 -4.48 -15.19 32.64
C GLU A 423 -3.17 -15.20 31.84
N LYS A 424 -2.28 -14.21 32.06
CA LYS A 424 -0.97 -14.09 31.41
C LYS A 424 -0.02 -15.19 31.91
N ASP A 425 0.09 -15.34 33.25
CA ASP A 425 0.92 -16.36 33.93
C ASP A 425 0.53 -17.79 33.53
N LEU A 426 -0.77 -18.01 33.22
CA LEU A 426 -1.35 -19.28 32.79
C LEU A 426 -0.93 -19.62 31.34
N VAL A 427 -1.04 -18.62 30.43
CA VAL A 427 -0.64 -18.71 29.00
C VAL A 427 0.87 -19.02 28.91
N TRP A 428 1.68 -18.31 29.72
CA TRP A 428 3.13 -18.52 29.80
C TRP A 428 3.45 -19.91 30.35
N LYS A 429 2.74 -20.36 31.41
CA LYS A 429 2.90 -21.69 32.01
C LYS A 429 2.58 -22.76 30.95
N MET A 430 1.46 -22.57 30.23
CA MET A 430 0.98 -23.47 29.18
C MET A 430 1.48 -23.11 27.78
N ARG A 431 2.69 -22.52 27.66
CA ARG A 431 3.30 -22.11 26.38
C ARG A 431 3.59 -23.29 25.44
N HIS A 432 3.91 -24.48 26.00
CA HIS A 432 4.17 -25.70 25.22
C HIS A 432 2.89 -26.18 24.55
N GLU A 433 1.77 -26.10 25.30
CA GLU A 433 0.45 -26.48 24.79
C GLU A 433 -0.05 -25.48 23.72
N VAL A 434 0.38 -24.19 23.83
CA VAL A 434 0.09 -23.12 22.85
C VAL A 434 0.75 -23.56 21.54
N GLN A 435 2.05 -23.91 21.58
CA GLN A 435 2.80 -24.40 20.43
C GLN A 435 2.20 -25.63 19.76
N GLU A 436 1.85 -26.65 20.55
CA GLU A 436 1.34 -27.94 20.04
C GLU A 436 -0.15 -28.00 19.67
N HIS A 437 -1.03 -27.24 20.36
CA HIS A 437 -2.47 -27.34 20.07
C HIS A 437 -3.13 -26.05 19.62
N PHE A 438 -2.51 -24.88 19.86
CA PHE A 438 -3.04 -23.59 19.42
C PHE A 438 -1.92 -22.75 18.72
N PRO A 439 -1.18 -23.27 17.70
CA PRO A 439 -0.08 -22.49 17.10
C PRO A 439 -0.47 -21.13 16.49
N GLU A 440 -1.77 -20.89 16.24
CA GLU A 440 -2.19 -19.60 15.71
C GLU A 440 -2.27 -18.54 16.83
N ALA A 441 -2.05 -18.96 18.10
CA ALA A 441 -2.10 -18.06 19.26
C ALA A 441 -0.69 -17.58 19.69
N LEU A 442 0.31 -17.74 18.79
CA LEU A 442 1.68 -17.27 18.94
C LEU A 442 1.74 -15.78 19.36
N ALA A 443 0.99 -14.92 18.66
CA ALA A 443 0.93 -13.47 18.98
C ALA A 443 0.50 -13.22 20.44
N ARG A 444 -0.50 -13.97 20.98
CA ARG A 444 -0.93 -13.84 22.39
C ARG A 444 0.21 -14.18 23.34
N LEU A 445 0.93 -15.28 23.05
CA LEU A 445 2.04 -15.79 23.84
C LEU A 445 3.24 -14.82 23.80
N LEU A 446 3.49 -14.22 22.64
CA LEU A 446 4.57 -13.23 22.47
C LEU A 446 4.29 -11.99 23.29
N LEU A 447 3.00 -11.65 23.49
CA LEU A 447 2.60 -10.49 24.29
C LEU A 447 2.66 -10.78 25.82
N VAL A 448 2.64 -12.06 26.24
CA VAL A 448 2.74 -12.40 27.67
C VAL A 448 4.22 -12.61 28.09
N THR A 449 5.13 -12.78 27.10
CA THR A 449 6.57 -12.96 27.32
C THR A 449 7.15 -11.68 27.94
N LYS A 450 7.95 -11.86 28.98
CA LYS A 450 8.66 -10.81 29.71
C LYS A 450 9.98 -10.62 28.96
N TRP A 451 9.98 -9.64 28.04
CA TRP A 451 11.10 -9.28 27.15
C TRP A 451 12.27 -8.66 27.89
N ASN A 452 12.06 -8.29 29.18
CA ASN A 452 13.06 -7.70 30.05
C ASN A 452 13.74 -8.73 30.95
N LYS A 453 13.62 -10.03 30.61
CA LYS A 453 14.27 -11.15 31.35
C LYS A 453 14.84 -12.06 30.25
N HIS A 454 16.17 -12.07 30.06
CA HIS A 454 16.82 -12.86 28.99
C HIS A 454 16.50 -14.38 29.01
N GLU A 455 16.17 -14.95 30.17
CA GLU A 455 15.85 -16.37 30.31
C GLU A 455 14.46 -16.69 29.80
N ASP A 456 13.49 -15.78 30.04
CA ASP A 456 12.12 -15.89 29.53
C ASP A 456 12.13 -15.74 28.02
N VAL A 457 12.96 -14.80 27.48
CA VAL A 457 13.12 -14.56 26.04
C VAL A 457 13.76 -15.81 25.40
N ALA A 458 14.73 -16.45 26.08
CA ALA A 458 15.37 -17.67 25.59
C ALA A 458 14.34 -18.82 25.44
N GLN A 459 13.43 -19.00 26.43
CA GLN A 459 12.37 -20.03 26.43
C GLN A 459 11.35 -19.76 25.33
N MET A 460 10.99 -18.47 25.11
CA MET A 460 10.06 -18.09 24.04
C MET A 460 10.74 -18.39 22.70
N LEU A 461 12.02 -17.95 22.53
CA LEU A 461 12.76 -18.16 21.29
C LEU A 461 12.96 -19.64 20.95
N TYR A 462 13.11 -20.53 21.98
CA TYR A 462 13.24 -21.99 21.75
C TYR A 462 11.99 -22.55 21.07
N LEU A 463 10.80 -22.15 21.56
CA LEU A 463 9.51 -22.58 21.02
C LEU A 463 9.28 -22.05 19.62
N LEU A 464 9.66 -20.78 19.39
CA LEU A 464 9.49 -20.12 18.11
C LEU A 464 10.27 -20.79 17.00
N CYS A 465 11.50 -21.24 17.31
CA CYS A 465 12.35 -21.88 16.32
C CYS A 465 11.83 -23.26 15.86
N SER A 466 10.86 -23.84 16.59
CA SER A 466 10.20 -25.09 16.21
C SER A 466 8.72 -24.82 15.88
N TRP A 467 8.29 -23.55 15.89
CA TRP A 467 6.89 -23.17 15.64
C TRP A 467 6.46 -23.46 14.21
N PRO A 468 5.28 -24.11 13.98
CA PRO A 468 4.85 -24.34 12.58
C PRO A 468 4.56 -23.03 11.85
N GLU A 469 4.74 -23.04 10.52
CA GLU A 469 4.45 -21.89 9.68
C GLU A 469 3.00 -21.52 9.84
N LEU A 470 2.74 -20.24 9.93
CA LEU A 470 1.40 -19.71 10.17
C LEU A 470 0.74 -19.20 8.92
N PRO A 471 -0.62 -19.13 8.87
CA PRO A 471 -1.27 -18.56 7.67
C PRO A 471 -0.88 -17.09 7.51
N VAL A 472 -0.93 -16.61 6.27
CA VAL A 472 -0.63 -15.23 5.86
C VAL A 472 -1.27 -14.21 6.81
N LEU A 473 -2.56 -14.44 7.19
CA LEU A 473 -3.28 -13.56 8.09
C LEU A 473 -2.58 -13.41 9.46
N SER A 474 -2.10 -14.52 10.02
CA SER A 474 -1.39 -14.47 11.29
C SER A 474 -0.06 -13.72 11.12
N ALA A 475 0.67 -13.98 10.02
CA ALA A 475 1.96 -13.33 9.73
C ALA A 475 1.91 -11.80 9.59
N LEU A 476 0.81 -11.25 9.05
CA LEU A 476 0.63 -9.80 8.86
C LEU A 476 0.48 -9.09 10.20
N GLU A 477 -0.13 -9.79 11.17
CA GLU A 477 -0.30 -9.31 12.53
C GLU A 477 1.09 -9.24 13.18
N LEU A 478 1.91 -10.27 12.93
CA LEU A 478 3.27 -10.40 13.46
C LEU A 478 4.26 -9.38 12.94
N LEU A 479 3.89 -8.63 11.90
CA LEU A 479 4.76 -7.56 11.36
C LEU A 479 4.52 -6.25 12.10
N ASP A 480 3.50 -6.23 12.98
CA ASP A 480 3.18 -5.04 13.77
C ASP A 480 4.34 -4.67 14.66
N PHE A 481 4.50 -3.36 14.94
CA PHE A 481 5.57 -2.85 15.78
C PHE A 481 5.47 -3.42 17.23
N SER A 482 4.29 -3.94 17.64
CA SER A 482 4.11 -4.64 18.93
C SER A 482 4.93 -5.94 18.99
N PHE A 483 5.52 -6.41 17.85
CA PHE A 483 6.37 -7.61 17.79
C PHE A 483 7.77 -7.22 17.33
N PRO A 484 8.54 -6.41 18.11
CA PRO A 484 9.83 -5.89 17.61
C PRO A 484 11.00 -6.86 17.48
N ASP A 485 10.92 -8.06 18.06
CA ASP A 485 12.04 -9.00 18.02
C ASP A 485 12.37 -9.43 16.62
N CYS A 486 13.68 -9.43 16.27
CA CYS A 486 14.17 -9.78 14.93
C CYS A 486 13.95 -11.24 14.55
N TYR A 487 13.83 -12.16 15.52
CA TYR A 487 13.53 -13.56 15.22
C TYR A 487 12.04 -13.75 14.94
N VAL A 488 11.19 -12.99 15.66
CA VAL A 488 9.74 -12.95 15.43
C VAL A 488 9.50 -12.41 14.02
N GLY A 489 10.20 -11.31 13.68
CA GLY A 489 10.13 -10.67 12.37
C GLY A 489 10.54 -11.60 11.23
N SER A 490 11.66 -12.32 11.42
CA SER A 490 12.18 -13.30 10.47
C SER A 490 11.15 -14.43 10.27
N PHE A 491 10.52 -14.91 11.38
CA PHE A 491 9.50 -15.94 11.36
C PHE A 491 8.29 -15.45 10.55
N ALA A 492 7.86 -14.19 10.78
CA ALA A 492 6.71 -13.60 10.12
C ALA A 492 6.92 -13.58 8.59
N ILE A 493 8.14 -13.21 8.13
CA ILE A 493 8.54 -13.17 6.72
C ILE A 493 8.54 -14.59 6.12
N LYS A 494 9.05 -15.56 6.88
CA LYS A 494 9.06 -16.97 6.48
C LYS A 494 7.62 -17.45 6.24
N SER A 495 6.67 -17.08 7.10
CA SER A 495 5.26 -17.42 6.92
C SER A 495 4.58 -16.61 5.79
N LEU A 496 5.21 -15.51 5.32
CA LEU A 496 4.67 -14.69 4.22
C LEU A 496 5.22 -15.08 2.86
N ARG A 497 6.26 -15.93 2.80
CA ARG A 497 6.85 -16.37 1.53
C ARG A 497 5.84 -17.07 0.63
N LYS A 498 4.79 -17.66 1.22
CA LYS A 498 3.77 -18.35 0.46
C LYS A 498 2.75 -17.37 -0.16
N LEU A 499 2.89 -16.03 0.08
CA LEU A 499 2.04 -15.01 -0.54
C LEU A 499 2.18 -15.16 -2.05
N THR A 500 1.06 -15.12 -2.75
CA THR A 500 1.08 -15.16 -4.19
C THR A 500 1.43 -13.74 -4.62
N ASP A 501 1.88 -13.54 -5.83
CA ASP A 501 2.14 -12.20 -6.35
C ASP A 501 0.89 -11.29 -6.26
N ASP A 502 -0.32 -11.87 -6.44
CA ASP A 502 -1.58 -11.10 -6.33
C ASP A 502 -1.85 -10.69 -4.89
N GLU A 503 -1.59 -11.58 -3.92
CA GLU A 503 -1.76 -11.24 -2.51
C GLU A 503 -0.70 -10.23 -2.08
N LEU A 504 0.55 -10.41 -2.52
CA LEU A 504 1.64 -9.49 -2.21
C LEU A 504 1.35 -8.09 -2.75
N PHE A 505 0.84 -8.02 -3.99
CA PHE A 505 0.49 -6.75 -4.60
C PHE A 505 -0.57 -6.01 -3.76
N GLN A 506 -1.57 -6.77 -3.31
CA GLN A 506 -2.70 -6.29 -2.50
C GLN A 506 -2.17 -5.66 -1.17
N TYR A 507 -1.18 -6.29 -0.51
CA TYR A 507 -0.64 -5.80 0.76
C TYR A 507 0.69 -5.05 0.67
N LEU A 508 1.19 -4.73 -0.55
CA LEU A 508 2.46 -4.04 -0.81
C LEU A 508 2.58 -2.70 -0.11
N LEU A 509 1.55 -1.86 -0.19
CA LEU A 509 1.54 -0.58 0.49
C LEU A 509 1.84 -0.71 2.00
N GLN A 510 1.24 -1.69 2.68
CA GLN A 510 1.40 -1.93 4.13
C GLN A 510 2.81 -2.44 4.45
N LEU A 511 3.33 -3.37 3.64
CA LEU A 511 4.67 -3.94 3.84
C LEU A 511 5.76 -2.89 3.67
N VAL A 512 5.54 -1.92 2.76
CA VAL A 512 6.43 -0.79 2.53
C VAL A 512 6.41 0.11 3.78
N GLN A 513 5.22 0.33 4.38
CA GLN A 513 5.15 1.17 5.60
C GLN A 513 5.90 0.52 6.75
N VAL A 514 5.87 -0.85 6.83
CA VAL A 514 6.56 -1.65 7.87
C VAL A 514 8.07 -1.34 7.85
N LEU A 515 8.63 -0.97 6.68
CA LEU A 515 10.05 -0.58 6.53
C LEU A 515 10.45 0.59 7.47
N LYS A 516 9.49 1.48 7.81
CA LYS A 516 9.72 2.62 8.73
C LYS A 516 9.86 2.22 10.21
N TYR A 517 9.54 0.96 10.55
CA TYR A 517 9.64 0.41 11.89
C TYR A 517 10.96 -0.33 12.02
N GLU A 518 11.61 -0.69 10.90
CA GLU A 518 12.87 -1.44 10.90
C GLU A 518 13.96 -0.65 11.63
N SER A 519 14.74 -1.36 12.45
CA SER A 519 15.78 -0.75 13.26
C SER A 519 17.11 -0.71 12.49
N TYR A 520 17.28 -1.65 11.52
CA TYR A 520 18.51 -1.70 10.72
C TYR A 520 18.21 -1.62 9.24
N LEU A 521 19.23 -1.27 8.43
CA LEU A 521 19.09 -1.16 6.97
C LEU A 521 18.95 -2.51 6.31
N ASP A 522 19.88 -3.43 6.61
CA ASP A 522 19.87 -4.79 6.06
C ASP A 522 18.97 -5.66 6.95
N CYS A 523 17.79 -5.97 6.44
CA CYS A 523 16.78 -6.72 7.18
C CYS A 523 16.08 -7.66 6.23
N GLU A 524 15.46 -8.74 6.79
CA GLU A 524 14.74 -9.77 6.05
C GLU A 524 13.59 -9.20 5.22
N LEU A 525 12.88 -8.17 5.73
CA LEU A 525 11.78 -7.55 4.98
C LEU A 525 12.25 -6.83 3.69
N THR A 526 13.41 -6.14 3.73
CA THR A 526 13.93 -5.47 2.53
C THR A 526 14.33 -6.51 1.47
N LYS A 527 15.03 -7.57 1.88
CA LYS A 527 15.49 -8.63 0.98
C LYS A 527 14.28 -9.35 0.35
N PHE A 528 13.23 -9.60 1.14
CA PHE A 528 11.99 -10.22 0.67
C PHE A 528 11.33 -9.33 -0.39
N LEU A 529 11.14 -8.05 -0.07
CA LEU A 529 10.53 -7.08 -0.97
C LEU A 529 11.37 -6.90 -2.23
N LEU A 530 12.73 -6.88 -2.11
CA LEU A 530 13.62 -6.76 -3.28
C LEU A 530 13.55 -7.99 -4.20
N GLY A 531 13.65 -9.21 -3.64
CA GLY A 531 13.56 -10.47 -4.40
C GLY A 531 12.21 -10.66 -5.10
N ARG A 532 11.14 -10.20 -4.44
CA ARG A 532 9.81 -10.31 -5.04
C ARG A 532 9.60 -9.27 -6.17
N ALA A 533 10.20 -8.07 -6.02
CA ALA A 533 10.17 -6.99 -7.01
C ALA A 533 11.02 -7.33 -8.24
N LEU A 534 12.13 -8.01 -8.04
CA LEU A 534 12.99 -8.39 -9.16
C LEU A 534 12.49 -9.62 -9.92
N ALA A 535 11.52 -10.35 -9.34
CA ALA A 535 10.90 -11.53 -9.94
C ALA A 535 9.55 -11.19 -10.59
N ASN A 536 9.05 -9.94 -10.41
CA ASN A 536 7.78 -9.49 -10.93
C ASN A 536 7.84 -7.98 -11.18
N ARG A 537 7.85 -7.59 -12.48
CA ARG A 537 7.96 -6.22 -12.94
C ARG A 537 6.90 -5.25 -12.38
N LYS A 538 5.66 -5.75 -12.19
CA LYS A 538 4.56 -4.96 -11.66
C LYS A 538 4.81 -4.71 -10.15
N ILE A 539 5.29 -5.69 -9.38
CA ILE A 539 5.66 -5.49 -7.98
C ILE A 539 6.82 -4.46 -7.93
N GLY A 540 7.81 -4.64 -8.85
CA GLY A 540 8.98 -3.78 -9.00
C GLY A 540 8.58 -2.35 -9.21
N HIS A 541 7.68 -2.11 -10.18
CA HIS A 541 7.08 -0.84 -10.53
C HIS A 541 6.53 -0.08 -9.30
N PHE A 542 5.62 -0.73 -8.55
CA PHE A 542 4.92 -0.15 -7.40
C PHE A 542 5.82 -0.08 -6.14
N LEU A 543 6.79 -1.01 -5.96
CA LEU A 543 7.78 -0.87 -4.89
C LEU A 543 8.56 0.43 -5.15
N PHE A 544 9.06 0.64 -6.40
CA PHE A 544 9.80 1.85 -6.76
C PHE A 544 9.01 3.11 -6.43
N TRP A 545 7.73 3.23 -6.89
CA TRP A 545 6.92 4.43 -6.70
C TRP A 545 6.52 4.70 -5.25
N HIS A 546 6.23 3.68 -4.45
CA HIS A 546 5.90 3.90 -3.02
C HIS A 546 7.13 4.43 -2.25
N LEU A 547 8.33 3.97 -2.64
CA LEU A 547 9.61 4.41 -2.05
C LEU A 547 9.94 5.84 -2.55
N ARG A 548 9.84 6.05 -3.89
CA ARG A 548 10.17 7.32 -4.55
C ARG A 548 9.36 8.48 -4.05
N SER A 549 8.06 8.23 -3.80
CA SER A 549 7.12 9.27 -3.39
C SER A 549 7.40 9.83 -1.97
N GLU A 550 8.36 9.21 -1.22
CA GLU A 550 8.70 9.61 0.13
C GLU A 550 10.14 10.07 0.30
N MET A 551 10.82 10.41 -0.81
CA MET A 551 12.21 10.85 -0.77
C MET A 551 12.38 12.26 -0.19
N HIS A 552 11.28 13.05 -0.19
CA HIS A 552 11.23 14.39 0.38
C HIS A 552 11.13 14.34 1.93
N VAL A 553 10.88 13.14 2.50
CA VAL A 553 10.75 12.90 3.94
C VAL A 553 12.17 12.54 4.46
N PRO A 554 12.80 13.41 5.27
CA PRO A 554 14.19 13.14 5.73
C PRO A 554 14.42 11.85 6.51
N SER A 555 13.43 11.41 7.29
CA SER A 555 13.55 10.21 8.12
C SER A 555 13.56 8.90 7.34
N VAL A 556 13.12 8.90 6.07
CA VAL A 556 13.12 7.68 5.27
C VAL A 556 14.02 7.80 4.03
N ALA A 557 14.43 9.03 3.67
CA ALA A 557 15.16 9.24 2.44
C ALA A 557 16.40 8.33 2.26
N LEU A 558 17.13 8.08 3.35
CA LEU A 558 18.31 7.22 3.26
C LEU A 558 17.95 5.78 2.93
N ARG A 559 17.15 5.13 3.79
CA ARG A 559 16.69 3.75 3.62
C ARG A 559 16.04 3.54 2.24
N PHE A 560 15.10 4.42 1.88
CA PHE A 560 14.35 4.34 0.63
C PHE A 560 15.24 4.54 -0.59
N GLY A 561 16.16 5.51 -0.53
CA GLY A 561 17.10 5.77 -1.62
C GLY A 561 18.02 4.59 -1.88
N LEU A 562 18.48 3.93 -0.81
CA LEU A 562 19.36 2.74 -0.87
C LEU A 562 18.61 1.54 -1.44
N ILE A 563 17.33 1.34 -1.04
CA ILE A 563 16.49 0.27 -1.59
C ILE A 563 16.30 0.47 -3.13
N MET A 564 16.04 1.71 -3.56
CA MET A 564 15.83 2.01 -4.99
C MET A 564 17.13 1.85 -5.77
N GLU A 565 18.30 2.21 -5.18
CA GLU A 565 19.60 1.98 -5.82
C GLU A 565 19.79 0.48 -6.08
N ALA A 566 19.58 -0.36 -5.04
CA ALA A 566 19.71 -1.82 -5.09
C ALA A 566 18.81 -2.39 -6.19
N TYR A 567 17.55 -1.92 -6.26
CA TYR A 567 16.61 -2.39 -7.25
C TYR A 567 17.09 -2.11 -8.68
N CYS A 568 17.59 -0.88 -8.91
CA CYS A 568 18.12 -0.39 -10.17
C CYS A 568 19.31 -1.24 -10.66
N ARG A 569 20.16 -1.75 -9.73
CA ARG A 569 21.29 -2.64 -10.03
C ARG A 569 20.80 -3.95 -10.61
N GLY A 570 19.62 -4.38 -10.14
CA GLY A 570 18.92 -5.59 -10.57
C GLY A 570 18.14 -5.45 -11.87
N SER A 571 17.81 -4.23 -12.30
CA SER A 571 17.13 -3.97 -13.59
C SER A 571 17.42 -2.59 -14.18
N THR A 572 18.47 -2.55 -14.98
CA THR A 572 18.95 -1.39 -15.71
C THR A 572 17.87 -0.90 -16.68
N HIS A 573 17.26 -1.82 -17.45
CA HIS A 573 16.20 -1.51 -18.40
C HIS A 573 15.02 -0.83 -17.69
N HIS A 574 14.49 -1.45 -16.58
CA HIS A 574 13.39 -0.90 -15.82
C HIS A 574 13.70 0.49 -15.22
N MET A 575 14.97 0.77 -14.87
CA MET A 575 15.41 2.08 -14.36
C MET A 575 15.19 3.13 -15.44
N LYS A 576 15.54 2.78 -16.69
CA LYS A 576 15.35 3.66 -17.86
C LYS A 576 13.87 3.86 -18.16
N VAL A 577 13.03 2.80 -17.97
CA VAL A 577 11.56 2.89 -18.15
C VAL A 577 11.00 3.85 -17.09
N LEU A 578 11.47 3.74 -15.84
CA LEU A 578 11.02 4.63 -14.76
C LEU A 578 11.52 6.05 -14.91
N MET A 579 12.73 6.25 -15.52
CA MET A 579 13.28 7.58 -15.79
C MET A 579 12.39 8.30 -16.77
N LYS A 580 11.89 7.55 -17.75
CA LYS A 580 10.99 8.12 -18.73
C LYS A 580 9.68 8.63 -18.01
N GLN A 581 9.16 7.85 -17.03
CA GLN A 581 7.99 8.26 -16.26
C GLN A 581 8.29 9.53 -15.41
N GLY A 582 9.48 9.61 -14.83
CA GLY A 582 9.94 10.76 -14.04
C GLY A 582 10.06 12.04 -14.84
N GLU A 583 10.49 11.92 -16.11
CA GLU A 583 10.65 13.02 -17.08
C GLU A 583 9.30 13.58 -17.37
N ALA A 584 8.30 12.71 -17.61
CA ALA A 584 6.93 13.16 -17.83
C ALA A 584 6.40 13.90 -16.58
N LEU A 585 6.65 13.39 -15.39
CA LEU A 585 6.16 14.00 -14.13
C LEU A 585 6.79 15.33 -13.84
N SER A 586 8.05 15.49 -14.26
CA SER A 586 8.84 16.73 -14.19
C SER A 586 8.20 17.80 -15.06
N LYS A 587 7.89 17.45 -16.33
CA LYS A 587 7.20 18.35 -17.26
C LYS A 587 5.79 18.71 -16.77
N LEU A 588 5.05 17.74 -16.20
CA LEU A 588 3.70 17.98 -15.68
C LEU A 588 3.67 18.99 -14.52
N LYS A 589 4.68 18.93 -13.65
CA LYS A 589 4.82 19.84 -12.51
C LYS A 589 5.03 21.30 -12.99
N ALA A 590 5.97 21.50 -13.97
CA ALA A 590 6.27 22.79 -14.60
C ALA A 590 5.02 23.32 -15.31
N LEU A 591 4.30 22.42 -16.03
CA LEU A 591 3.05 22.75 -16.71
C LEU A 591 1.96 23.18 -15.70
N ASN A 592 1.84 22.48 -14.57
CA ASN A 592 0.85 22.81 -13.54
C ASN A 592 1.15 24.14 -12.86
N ASP A 593 2.44 24.47 -12.65
CA ASP A 593 2.86 25.74 -12.06
C ASP A 593 2.48 26.88 -12.97
N PHE A 594 2.67 26.69 -14.29
CA PHE A 594 2.29 27.66 -15.29
C PHE A 594 0.78 27.94 -15.26
N VAL A 595 -0.04 26.86 -15.15
CA VAL A 595 -1.50 26.92 -15.12
C VAL A 595 -2.00 27.64 -13.83
N LYS A 596 -1.40 27.35 -12.67
CA LYS A 596 -1.74 27.97 -11.39
C LYS A 596 -1.59 29.52 -11.47
N VAL A 597 -0.46 30.00 -12.05
CA VAL A 597 -0.13 31.40 -12.28
C VAL A 597 -1.12 32.04 -13.28
N SER A 598 -1.20 31.49 -14.51
CA SER A 598 -2.04 31.97 -15.60
C SER A 598 -3.54 32.05 -15.25
N SER A 599 -4.09 31.05 -14.53
CA SER A 599 -5.50 30.96 -14.17
C SER A 599 -6.01 32.13 -13.32
N GLN A 600 -5.10 32.74 -12.54
CA GLN A 600 -5.39 33.87 -11.65
C GLN A 600 -5.40 35.23 -12.37
N LYS A 601 -4.88 35.27 -13.60
CA LYS A 601 -4.74 36.50 -14.37
C LYS A 601 -5.63 36.58 -15.61
N THR A 602 -5.98 35.44 -16.21
CA THR A 602 -6.77 35.43 -17.44
C THR A 602 -7.95 34.44 -17.34
N THR A 603 -8.81 34.40 -18.38
CA THR A 603 -9.98 33.51 -18.44
C THR A 603 -9.54 32.04 -18.65
N LYS A 604 -10.42 31.07 -18.31
CA LYS A 604 -10.15 29.64 -18.49
C LYS A 604 -9.87 29.27 -19.96
N PRO A 605 -10.61 29.75 -21.01
CA PRO A 605 -10.24 29.37 -22.39
C PRO A 605 -8.87 29.93 -22.80
N GLN A 606 -8.43 31.02 -22.13
CA GLN A 606 -7.14 31.62 -22.40
C GLN A 606 -6.01 30.80 -21.77
N THR A 607 -6.17 30.40 -20.48
CA THR A 607 -5.23 29.56 -19.72
C THR A 607 -5.09 28.18 -20.39
N LYS A 608 -6.19 27.64 -20.94
CA LYS A 608 -6.27 26.35 -21.62
C LYS A 608 -5.47 26.39 -22.93
N GLU A 609 -5.55 27.53 -23.66
CA GLU A 609 -4.80 27.71 -24.90
C GLU A 609 -3.30 27.84 -24.66
N MET A 610 -2.93 28.57 -23.60
CA MET A 610 -1.52 28.74 -23.23
C MET A 610 -0.93 27.40 -22.78
N MET A 611 -1.72 26.61 -22.03
CA MET A 611 -1.35 25.25 -21.58
C MET A 611 -1.07 24.38 -22.83
N HIS A 612 -1.95 24.45 -23.85
CA HIS A 612 -1.81 23.69 -25.10
C HIS A 612 -0.54 24.05 -25.86
N MET A 613 -0.25 25.36 -26.00
CA MET A 613 0.95 25.93 -26.61
C MET A 613 2.19 25.40 -25.88
N CYS A 614 2.19 25.45 -24.53
CA CYS A 614 3.29 24.91 -23.74
C CYS A 614 3.45 23.40 -24.00
N MET A 615 2.33 22.64 -24.11
CA MET A 615 2.37 21.20 -24.38
C MET A 615 2.87 20.87 -25.79
N ARG A 616 2.61 21.78 -26.74
CA ARG A 616 2.97 21.64 -28.15
C ARG A 616 4.47 21.83 -28.41
N GLN A 617 5.22 22.27 -27.41
CA GLN A 617 6.66 22.45 -27.49
C GLN A 617 7.28 21.04 -27.62
N GLU A 618 8.34 20.92 -28.44
CA GLU A 618 9.10 19.69 -28.73
C GLU A 618 9.54 18.95 -27.47
N THR A 619 10.03 19.68 -26.47
CA THR A 619 10.49 19.09 -25.20
C THR A 619 9.32 18.44 -24.43
N TYR A 620 8.15 19.08 -24.43
CA TYR A 620 6.97 18.54 -23.75
C TYR A 620 6.38 17.36 -24.54
N MET A 621 6.25 17.49 -25.88
CA MET A 621 5.73 16.40 -26.72
C MET A 621 6.57 15.15 -26.56
N GLU A 622 7.90 15.28 -26.50
CA GLU A 622 8.79 14.15 -26.31
C GLU A 622 8.68 13.54 -24.92
N ALA A 623 8.73 14.38 -23.85
CA ALA A 623 8.68 13.92 -22.48
C ALA A 623 7.34 13.30 -22.10
N LEU A 624 6.23 13.90 -22.57
CA LEU A 624 4.87 13.48 -22.25
C LEU A 624 4.33 12.30 -23.07
N SER A 625 4.99 11.90 -24.17
CA SER A 625 4.50 10.79 -24.99
C SER A 625 5.30 9.49 -24.82
N HIS A 626 4.71 8.35 -25.20
CA HIS A 626 5.31 7.00 -25.23
C HIS A 626 5.93 6.56 -23.91
N LEU A 627 5.10 6.44 -22.90
CA LEU A 627 5.55 5.99 -21.59
C LEU A 627 4.56 4.96 -21.00
N GLN A 628 5.02 4.19 -20.04
CA GLN A 628 4.18 3.28 -19.26
C GLN A 628 3.51 4.14 -18.24
N SER A 629 2.23 3.85 -17.95
CA SER A 629 1.58 4.68 -16.95
C SER A 629 2.11 4.41 -15.52
N PRO A 630 2.44 5.44 -14.70
CA PRO A 630 2.84 5.17 -13.31
C PRO A 630 1.66 4.52 -12.53
N LEU A 631 0.41 4.78 -12.94
CA LEU A 631 -0.76 4.18 -12.26
C LEU A 631 -0.91 2.69 -12.61
N ASP A 632 -0.38 2.26 -13.77
CA ASP A 632 -0.57 0.90 -14.25
C ASP A 632 0.45 0.63 -15.35
N PRO A 633 1.52 -0.13 -15.07
CA PRO A 633 2.53 -0.37 -16.10
C PRO A 633 2.00 -1.13 -17.34
N SER A 634 0.83 -1.78 -17.25
CA SER A 634 0.14 -2.47 -18.38
C SER A 634 -0.42 -1.46 -19.38
N THR A 635 -0.77 -0.27 -18.88
CA THR A 635 -1.30 0.83 -19.66
C THR A 635 -0.14 1.61 -20.26
N LEU A 636 -0.21 1.78 -21.57
CA LEU A 636 0.73 2.53 -22.36
C LEU A 636 0.10 3.89 -22.68
N LEU A 637 0.82 4.97 -22.38
CA LEU A 637 0.35 6.34 -22.65
C LEU A 637 1.10 6.70 -23.92
N GLU A 638 0.43 6.60 -25.08
CA GLU A 638 1.15 6.78 -26.33
C GLU A 638 1.17 8.22 -26.82
N GLU A 639 0.16 8.63 -27.62
CA GLU A 639 0.13 9.98 -28.16
C GLU A 639 -0.68 10.88 -27.26
N VAL A 640 -0.09 11.97 -26.79
CA VAL A 640 -0.82 12.92 -25.95
C VAL A 640 -1.79 13.69 -26.87
N CYS A 641 -3.10 13.75 -26.49
CA CYS A 641 -4.12 14.44 -27.27
C CYS A 641 -4.26 15.81 -26.65
N VAL A 642 -3.33 16.69 -27.02
CA VAL A 642 -3.19 18.09 -26.57
C VAL A 642 -4.54 18.81 -26.58
N GLU A 643 -5.29 18.73 -27.70
CA GLU A 643 -6.58 19.40 -27.85
C GLU A 643 -7.60 19.00 -26.78
N GLN A 644 -7.48 17.76 -26.27
CA GLN A 644 -8.34 17.20 -25.23
C GLN A 644 -7.86 17.47 -23.80
N CYS A 645 -6.63 17.98 -23.64
CA CYS A 645 -6.08 18.26 -22.31
C CYS A 645 -6.66 19.52 -21.74
N THR A 646 -6.85 19.55 -20.42
CA THR A 646 -7.46 20.68 -19.70
C THR A 646 -6.99 20.63 -18.26
N PHE A 647 -7.64 21.41 -17.39
CA PHE A 647 -7.37 21.50 -15.97
C PHE A 647 -8.68 21.82 -15.27
N MET A 648 -8.78 21.46 -13.97
CA MET A 648 -9.94 21.73 -13.10
C MET A 648 -9.83 23.08 -12.41
N ASP A 649 -11.00 23.70 -12.19
CA ASP A 649 -11.21 25.01 -11.58
C ASP A 649 -10.89 25.10 -10.10
N SER A 650 -10.73 23.96 -9.44
CA SER A 650 -10.38 23.84 -8.01
C SER A 650 -9.02 24.48 -7.69
N LYS A 651 -8.82 24.80 -6.40
CA LYS A 651 -7.64 25.44 -5.80
C LYS A 651 -6.29 25.09 -6.43
N MET A 652 -5.96 23.78 -6.49
CA MET A 652 -4.66 23.28 -7.00
C MET A 652 -4.59 23.17 -8.52
N LYS A 653 -5.69 23.47 -9.22
CA LYS A 653 -5.79 23.41 -10.69
C LYS A 653 -5.24 22.07 -11.27
N PRO A 654 -5.77 20.88 -10.85
CA PRO A 654 -5.21 19.62 -11.37
C PRO A 654 -5.32 19.49 -12.88
N LEU A 655 -4.30 18.92 -13.52
CA LEU A 655 -4.32 18.74 -14.97
C LEU A 655 -4.97 17.46 -15.41
N TRP A 656 -5.74 17.52 -16.52
CA TRP A 656 -6.44 16.42 -17.15
C TRP A 656 -5.73 16.17 -18.48
N ILE A 657 -4.92 15.10 -18.55
CA ILE A 657 -4.07 14.77 -19.70
C ILE A 657 -4.66 13.55 -20.37
N MET A 658 -4.96 13.69 -21.66
CA MET A 658 -5.58 12.64 -22.44
C MET A 658 -4.60 12.05 -23.40
N TYR A 659 -4.75 10.76 -23.66
CA TYR A 659 -3.89 10.02 -24.56
C TYR A 659 -4.71 9.18 -25.50
N SER A 660 -4.08 8.75 -26.60
CA SER A 660 -4.66 7.84 -27.55
C SER A 660 -3.55 7.00 -28.12
N SER A 661 -3.91 5.86 -28.68
CA SER A 661 -3.02 4.88 -29.25
C SER A 661 -3.75 4.23 -30.42
N GLU A 662 -3.19 4.34 -31.64
CA GLU A 662 -3.77 3.69 -32.82
C GLU A 662 -3.76 2.15 -32.63
N GLU A 663 -2.63 1.59 -32.14
CA GLU A 663 -2.45 0.15 -31.91
C GLU A 663 -3.40 -0.47 -30.88
N ALA A 664 -3.86 0.29 -29.89
CA ALA A 664 -4.80 -0.21 -28.88
C ALA A 664 -6.27 0.07 -29.23
N GLY A 665 -6.51 0.93 -30.25
CA GLY A 665 -7.86 1.36 -30.65
C GLY A 665 -8.53 2.11 -29.51
N SER A 666 -9.82 1.83 -29.26
CA SER A 666 -10.60 2.43 -28.17
C SER A 666 -9.98 2.29 -26.78
N ALA A 667 -9.30 1.16 -26.51
CA ALA A 667 -8.66 0.89 -25.21
C ALA A 667 -7.43 1.77 -24.94
N GLY A 668 -6.86 2.33 -26.01
CA GLY A 668 -5.72 3.23 -25.94
C GLY A 668 -6.08 4.65 -25.52
N ASN A 669 -7.40 4.98 -25.50
CA ASN A 669 -7.96 6.27 -25.14
C ASN A 669 -8.05 6.28 -23.63
N VAL A 670 -7.04 6.85 -23.02
CA VAL A 670 -6.92 6.84 -21.58
C VAL A 670 -6.56 8.22 -21.12
N GLY A 671 -6.85 8.51 -19.86
CA GLY A 671 -6.53 9.79 -19.27
C GLY A 671 -5.88 9.68 -17.91
N ILE A 672 -5.10 10.69 -17.55
CA ILE A 672 -4.49 10.78 -16.23
C ILE A 672 -4.77 12.16 -15.67
N ILE A 673 -4.91 12.25 -14.35
CA ILE A 673 -5.07 13.50 -13.63
C ILE A 673 -3.76 13.74 -12.89
N PHE A 674 -3.12 14.91 -13.11
CA PHE A 674 -1.91 15.26 -12.39
C PHE A 674 -2.29 16.30 -11.34
N LYS A 675 -2.02 15.98 -10.08
CA LYS A 675 -2.34 16.85 -8.93
C LYS A 675 -1.07 17.21 -8.18
N ASN A 676 -0.90 18.51 -7.91
CA ASN A 676 0.22 19.05 -7.15
C ASN A 676 -0.30 20.08 -6.14
N GLY A 677 -0.03 19.83 -4.87
CA GLY A 677 -0.48 20.70 -3.79
C GLY A 677 -1.26 19.94 -2.74
N ASP A 678 -1.89 18.80 -3.11
CA ASP A 678 -2.62 17.94 -2.16
C ASP A 678 -1.85 16.66 -1.86
N ASP A 679 -2.10 16.08 -0.70
CA ASP A 679 -1.48 14.86 -0.26
C ASP A 679 -2.47 13.74 -0.68
N LEU A 680 -2.05 12.80 -1.59
CA LEU A 680 -2.91 11.74 -2.12
C LEU A 680 -2.81 10.36 -1.42
N ARG A 681 -2.01 10.23 -0.35
CA ARG A 681 -1.78 8.99 0.38
C ARG A 681 -3.03 8.35 0.98
N GLN A 682 -3.91 9.18 1.59
CA GLN A 682 -5.16 8.71 2.18
C GLN A 682 -6.16 8.25 1.11
N ASP A 683 -6.21 8.97 -0.01
CA ASP A 683 -7.08 8.60 -1.16
C ASP A 683 -6.63 7.24 -1.62
N MET A 684 -5.30 7.08 -1.82
CA MET A 684 -4.75 5.81 -2.28
C MET A 684 -5.12 4.69 -1.32
N LEU A 685 -4.98 4.89 0.01
CA LEU A 685 -5.29 3.86 0.98
C LEU A 685 -6.78 3.49 0.93
N THR A 686 -7.67 4.49 0.92
CA THR A 686 -9.11 4.25 0.83
C THR A 686 -9.47 3.46 -0.45
N LEU A 687 -8.94 3.88 -1.58
CA LEU A 687 -9.17 3.20 -2.87
C LEU A 687 -8.65 1.77 -2.87
N GLN A 688 -7.54 1.50 -2.19
CA GLN A 688 -6.99 0.16 -2.09
C GLN A 688 -7.88 -0.72 -1.23
N MET A 689 -8.48 -0.15 -0.16
CA MET A 689 -9.38 -0.83 0.79
C MET A 689 -10.69 -1.20 0.08
N ILE A 690 -11.19 -0.31 -0.77
CA ILE A 690 -12.39 -0.55 -1.57
C ILE A 690 -12.11 -1.67 -2.59
N GLN A 691 -10.92 -1.64 -3.20
CA GLN A 691 -10.50 -2.67 -4.13
C GLN A 691 -10.41 -4.06 -3.41
N LEU A 692 -9.93 -4.06 -2.16
CA LEU A 692 -9.87 -5.26 -1.36
C LEU A 692 -11.30 -5.76 -1.06
N MET A 693 -12.23 -4.83 -0.79
CA MET A 693 -13.63 -5.22 -0.54
C MET A 693 -14.20 -5.93 -1.76
N ASP A 694 -14.00 -5.31 -2.94
CA ASP A 694 -14.41 -5.81 -4.24
C ASP A 694 -13.85 -7.24 -4.48
N VAL A 695 -12.56 -7.47 -4.17
CA VAL A 695 -11.92 -8.78 -4.27
C VAL A 695 -12.63 -9.80 -3.37
N LEU A 696 -12.84 -9.44 -2.08
CA LEU A 696 -13.50 -10.30 -1.09
C LEU A 696 -14.93 -10.64 -1.45
N TRP A 697 -15.67 -9.68 -2.02
CA TRP A 697 -17.04 -9.91 -2.45
C TRP A 697 -17.03 -10.86 -3.68
N LYS A 698 -16.13 -10.62 -4.63
CA LYS A 698 -16.08 -11.48 -5.84
C LYS A 698 -15.70 -12.95 -5.54
N GLN A 699 -14.91 -13.17 -4.47
CA GLN A 699 -14.52 -14.48 -3.99
C GLN A 699 -15.71 -15.25 -3.41
N GLU A 700 -16.81 -14.54 -3.02
CA GLU A 700 -18.08 -15.16 -2.57
C GLU A 700 -19.11 -15.09 -3.70
N GLY A 701 -18.66 -14.83 -4.91
CA GLY A 701 -19.54 -14.69 -6.06
C GLY A 701 -20.40 -13.44 -6.11
N LEU A 702 -20.06 -12.42 -5.31
CA LEU A 702 -20.81 -11.15 -5.30
C LEU A 702 -20.05 -10.04 -6.08
N ASP A 703 -20.53 -9.68 -7.29
CA ASP A 703 -19.91 -8.63 -8.10
C ASP A 703 -20.75 -7.34 -7.95
N LEU A 704 -20.33 -6.40 -7.06
CA LEU A 704 -21.09 -5.16 -6.84
C LEU A 704 -20.73 -4.03 -7.82
N ARG A 705 -20.08 -4.37 -8.96
CA ARG A 705 -19.75 -3.45 -10.06
C ARG A 705 -19.03 -2.15 -9.60
N MET A 706 -18.00 -2.32 -8.80
CA MET A 706 -17.20 -1.23 -8.24
C MET A 706 -16.27 -0.59 -9.29
N THR A 707 -15.74 0.63 -8.99
CA THR A 707 -14.83 1.32 -9.89
C THR A 707 -13.60 1.68 -9.06
N PRO A 708 -12.72 0.68 -8.83
CA PRO A 708 -11.53 0.97 -8.03
C PRO A 708 -10.43 1.56 -8.95
N TYR A 709 -10.55 2.84 -9.27
CA TYR A 709 -9.61 3.54 -10.17
C TYR A 709 -8.25 3.80 -9.47
N GLY A 710 -7.19 3.94 -10.26
CA GLY A 710 -5.83 4.20 -9.80
C GLY A 710 -5.63 5.57 -9.19
N CYS A 711 -4.82 5.60 -8.14
CA CYS A 711 -4.43 6.79 -7.39
C CYS A 711 -3.03 6.54 -6.85
N LEU A 712 -2.05 7.33 -7.27
CA LEU A 712 -0.68 7.10 -6.87
C LEU A 712 0.09 8.37 -6.54
N PRO A 713 0.44 8.58 -5.25
CA PRO A 713 1.38 9.68 -4.90
C PRO A 713 2.72 9.35 -5.58
N THR A 714 3.37 10.36 -6.19
CA THR A 714 4.63 10.15 -6.91
C THR A 714 5.75 10.99 -6.34
N GLY A 715 5.41 11.96 -5.53
CA GLY A 715 6.36 12.89 -4.95
C GLY A 715 5.75 13.71 -3.83
N ASP A 716 6.44 14.78 -3.43
CA ASP A 716 6.02 15.70 -2.36
C ASP A 716 4.72 16.40 -2.77
N ARG A 717 3.58 16.03 -2.13
CA ARG A 717 2.22 16.52 -2.42
C ARG A 717 1.95 16.47 -3.93
N THR A 718 2.36 15.35 -4.55
CA THR A 718 2.25 15.14 -5.99
C THR A 718 1.80 13.72 -6.31
N GLY A 719 0.94 13.59 -7.30
CA GLY A 719 0.49 12.27 -7.71
C GLY A 719 -0.42 12.26 -8.89
N LEU A 720 -0.83 11.05 -9.28
CA LEU A 720 -1.71 10.80 -10.40
C LEU A 720 -2.95 10.09 -9.97
N ILE A 721 -4.03 10.38 -10.66
CA ILE A 721 -5.34 9.74 -10.51
C ILE A 721 -5.74 9.26 -11.90
N GLU A 722 -6.28 8.06 -11.99
CA GLU A 722 -6.79 7.50 -13.24
C GLU A 722 -8.12 8.16 -13.65
N VAL A 723 -8.20 8.57 -14.91
CA VAL A 723 -9.44 9.16 -15.44
C VAL A 723 -10.38 8.00 -15.79
N VAL A 724 -11.61 8.06 -15.29
CA VAL A 724 -12.64 7.10 -15.65
C VAL A 724 -13.46 7.81 -16.74
N LEU A 725 -13.26 7.38 -17.99
CA LEU A 725 -13.99 8.03 -19.09
C LEU A 725 -15.45 7.66 -19.07
N HIS A 726 -16.28 8.43 -19.79
CA HIS A 726 -17.73 8.21 -19.91
C HIS A 726 -18.43 8.26 -18.52
N SER A 727 -18.07 9.27 -17.74
CA SER A 727 -18.61 9.44 -16.40
C SER A 727 -18.77 10.91 -16.13
N ASP A 728 -19.66 11.25 -15.20
CA ASP A 728 -19.89 12.65 -14.80
C ASP A 728 -20.24 12.69 -13.32
N THR A 729 -20.10 13.83 -12.67
CA THR A 729 -20.44 13.96 -11.25
C THR A 729 -21.99 14.04 -11.16
N ILE A 730 -22.56 13.69 -9.97
CA ILE A 730 -24.00 13.84 -9.73
C ILE A 730 -24.38 15.32 -9.90
N ALA A 731 -23.53 16.26 -9.42
CA ALA A 731 -23.76 17.71 -9.49
C ALA A 731 -23.96 18.22 -10.91
N ASN A 732 -23.08 17.82 -11.86
CA ASN A 732 -23.24 18.23 -13.27
C ASN A 732 -24.54 17.72 -13.85
N ILE A 733 -24.87 16.45 -13.61
CA ILE A 733 -26.10 15.82 -14.08
C ILE A 733 -27.31 16.53 -13.45
N GLN A 734 -27.27 16.82 -12.14
CA GLN A 734 -28.36 17.49 -11.41
C GLN A 734 -28.43 18.98 -11.66
N LEU A 735 -27.48 19.60 -12.43
CA LEU A 735 -27.59 21.03 -12.80
C LEU A 735 -28.88 21.21 -13.60
N ASN A 736 -29.38 20.09 -14.20
CA ASN A 736 -30.61 20.02 -14.99
C ASN A 736 -30.63 21.08 -16.09
N LYS A 737 -29.53 21.14 -16.85
CA LYS A 737 -29.35 22.10 -17.95
C LYS A 737 -30.42 21.91 -19.02
N SER A 738 -30.85 23.00 -19.64
CA SER A 738 -31.85 22.96 -20.70
C SER A 738 -31.18 22.56 -22.02
N ASN A 739 -31.98 22.13 -23.03
CA ASN A 739 -31.55 21.72 -24.38
C ASN A 739 -30.67 20.44 -24.35
N MET A 740 -30.82 19.65 -23.28
CA MET A 740 -30.07 18.40 -23.08
C MET A 740 -31.06 17.22 -23.10
N ALA A 741 -30.56 16.01 -23.37
CA ALA A 741 -31.40 14.81 -23.42
C ALA A 741 -32.02 14.41 -22.05
N ALA A 742 -31.43 14.87 -20.92
CA ALA A 742 -31.88 14.56 -19.55
C ALA A 742 -32.82 15.64 -18.86
N THR A 743 -33.08 16.81 -19.50
CA THR A 743 -33.91 17.90 -18.90
C THR A 743 -35.24 17.39 -18.28
N ALA A 744 -35.30 17.45 -16.95
CA ALA A 744 -36.37 16.87 -16.14
C ALA A 744 -37.46 17.83 -15.68
N ALA A 745 -38.69 17.29 -15.49
CA ALA A 745 -39.86 18.02 -14.99
C ALA A 745 -39.68 18.29 -13.48
N PHE A 746 -39.05 17.31 -12.81
CA PHE A 746 -38.70 17.23 -11.39
C PHE A 746 -37.22 16.93 -11.31
N ASN A 747 -36.47 17.65 -10.45
CA ASN A 747 -35.03 17.44 -10.31
C ASN A 747 -34.70 15.99 -9.95
N LYS A 748 -35.61 15.25 -9.26
CA LYS A 748 -35.42 13.84 -8.90
C LYS A 748 -35.34 12.92 -10.11
N ASP A 749 -35.89 13.34 -11.28
CA ASP A 749 -35.92 12.54 -12.51
C ASP A 749 -34.61 12.62 -13.30
N ALA A 750 -33.78 13.66 -13.05
CA ALA A 750 -32.57 13.99 -13.81
C ALA A 750 -31.60 12.83 -14.00
N LEU A 751 -31.23 12.12 -12.91
CA LEU A 751 -30.29 10.99 -12.96
C LEU A 751 -30.83 9.86 -13.85
N LEU A 752 -32.08 9.49 -13.63
CA LEU A 752 -32.79 8.45 -14.38
C LEU A 752 -32.93 8.86 -15.85
N ASN A 753 -33.18 10.15 -16.14
CA ASN A 753 -33.29 10.65 -17.51
C ASN A 753 -31.92 10.60 -18.19
N TRP A 754 -30.85 10.91 -17.41
CA TRP A 754 -29.49 10.88 -17.92
C TRP A 754 -29.17 9.43 -18.27
N LEU A 755 -29.49 8.46 -17.37
CA LEU A 755 -29.26 7.03 -17.61
C LEU A 755 -30.07 6.52 -18.82
N LYS A 756 -31.34 7.00 -18.96
CA LYS A 756 -32.23 6.67 -20.08
C LYS A 756 -31.59 7.09 -21.41
N SER A 757 -31.03 8.30 -21.48
CA SER A 757 -30.34 8.82 -22.66
C SER A 757 -29.05 8.06 -23.03
N LYS A 758 -28.40 7.44 -22.06
CA LYS A 758 -27.14 6.73 -22.29
C LYS A 758 -27.40 5.27 -22.58
N ASN A 759 -28.60 4.77 -22.20
CA ASN A 759 -28.94 3.37 -22.32
C ASN A 759 -30.33 3.24 -22.95
N PRO A 760 -30.43 3.42 -24.29
CA PRO A 760 -31.75 3.35 -24.94
C PRO A 760 -32.33 1.94 -25.07
N GLY A 761 -33.67 1.88 -25.10
CA GLY A 761 -34.45 0.65 -25.22
C GLY A 761 -34.27 -0.30 -24.06
N GLU A 762 -33.93 -1.56 -24.38
CA GLU A 762 -33.71 -2.63 -23.40
C GLU A 762 -32.52 -2.40 -22.47
N ALA A 763 -31.54 -1.57 -22.89
CA ALA A 763 -30.32 -1.29 -22.10
C ALA A 763 -30.57 -0.58 -20.76
N LEU A 764 -31.74 0.08 -20.56
CA LEU A 764 -32.01 0.78 -19.28
C LEU A 764 -32.01 -0.15 -18.09
N ASP A 765 -32.63 -1.33 -18.24
CA ASP A 765 -32.74 -2.36 -17.20
C ASP A 765 -31.40 -2.72 -16.59
N ARG A 766 -30.39 -2.99 -17.43
CA ARG A 766 -29.06 -3.34 -16.94
C ARG A 766 -28.36 -2.13 -16.32
N ALA A 767 -28.64 -0.89 -16.84
CA ALA A 767 -28.05 0.32 -16.27
C ALA A 767 -28.59 0.59 -14.85
N ILE A 768 -29.91 0.39 -14.62
CA ILE A 768 -30.48 0.52 -13.28
C ILE A 768 -29.87 -0.53 -12.31
N GLU A 769 -29.67 -1.76 -12.82
CA GLU A 769 -29.10 -2.83 -12.03
C GLU A 769 -27.63 -2.57 -11.63
N GLU A 770 -26.79 -2.03 -12.55
CA GLU A 770 -25.40 -1.64 -12.29
C GLU A 770 -25.39 -0.53 -11.24
N PHE A 771 -26.35 0.41 -11.32
CA PHE A 771 -26.46 1.51 -10.38
C PHE A 771 -26.72 0.98 -8.99
N THR A 772 -27.67 0.02 -8.87
CA THR A 772 -28.12 -0.58 -7.61
C THR A 772 -27.02 -1.35 -6.93
N LEU A 773 -26.27 -2.15 -7.71
CA LEU A 773 -25.17 -2.96 -7.23
C LEU A 773 -24.06 -2.10 -6.69
N SER A 774 -23.56 -1.14 -7.48
CA SER A 774 -22.47 -0.23 -7.08
C SER A 774 -22.91 0.71 -5.94
N CYS A 775 -24.17 1.14 -5.94
CA CYS A 775 -24.70 1.91 -4.82
C CYS A 775 -24.68 1.09 -3.51
N ALA A 776 -25.08 -0.19 -3.55
CA ALA A 776 -24.97 -1.04 -2.38
C ALA A 776 -23.49 -1.20 -1.95
N GLY A 777 -22.58 -1.43 -2.90
CA GLY A 777 -21.16 -1.55 -2.61
C GLY A 777 -20.56 -0.30 -1.97
N TYR A 778 -20.88 0.89 -2.52
CA TYR A 778 -20.35 2.14 -1.98
C TYR A 778 -21.04 2.55 -0.69
N CYS A 779 -22.32 2.23 -0.50
CA CYS A 779 -23.00 2.51 0.78
C CYS A 779 -22.27 1.75 1.93
N VAL A 780 -22.00 0.44 1.72
CA VAL A 780 -21.29 -0.41 2.69
C VAL A 780 -19.85 0.06 2.90
N ALA A 781 -19.12 0.31 1.82
CA ALA A 781 -17.72 0.76 1.85
C ALA A 781 -17.55 2.09 2.60
N THR A 782 -18.40 3.10 2.32
CA THR A 782 -18.28 4.39 3.02
C THR A 782 -18.66 4.28 4.50
N TYR A 783 -19.59 3.37 4.82
CA TYR A 783 -20.02 3.10 6.19
C TYR A 783 -18.90 2.41 6.99
N VAL A 784 -18.39 1.29 6.48
CA VAL A 784 -17.31 0.56 7.12
C VAL A 784 -16.07 1.44 7.29
N LEU A 785 -15.69 2.19 6.24
CA LEU A 785 -14.53 3.07 6.28
C LEU A 785 -14.75 4.45 6.91
N GLY A 786 -16.00 4.82 7.22
CA GLY A 786 -16.29 6.12 7.81
C GLY A 786 -15.99 7.32 6.90
N ILE A 787 -16.33 7.19 5.59
CA ILE A 787 -16.16 8.26 4.61
C ILE A 787 -17.35 9.20 4.77
N GLY A 788 -17.05 10.43 5.19
CA GLY A 788 -18.03 11.49 5.37
C GLY A 788 -17.80 12.60 4.36
N ASP A 789 -18.59 13.70 4.46
CA ASP A 789 -18.53 14.87 3.57
C ASP A 789 -18.84 14.40 2.13
N ARG A 790 -19.93 13.63 2.01
CA ARG A 790 -20.33 13.11 0.71
C ARG A 790 -21.40 13.98 0.12
N HIS A 791 -21.06 14.66 -0.97
CA HIS A 791 -21.99 15.52 -1.69
C HIS A 791 -21.97 15.20 -3.17
N SER A 792 -22.81 15.90 -3.95
CA SER A 792 -23.02 15.68 -5.38
C SER A 792 -21.79 15.86 -6.28
N ASP A 793 -20.75 16.59 -5.84
CA ASP A 793 -19.60 16.80 -6.67
C ASP A 793 -18.47 15.79 -6.40
N ASN A 794 -18.60 14.92 -5.39
CA ASN A 794 -17.59 13.88 -5.14
C ASN A 794 -18.15 12.47 -5.32
N ILE A 795 -19.34 12.39 -5.98
CA ILE A 795 -20.02 11.15 -6.35
C ILE A 795 -20.16 11.20 -7.87
N MET A 796 -19.66 10.16 -8.53
CA MET A 796 -19.71 10.07 -9.97
C MET A 796 -20.54 8.92 -10.50
N ILE A 797 -20.99 9.04 -11.74
CA ILE A 797 -21.76 8.00 -12.38
C ILE A 797 -21.26 7.78 -13.80
N ARG A 798 -21.05 6.53 -14.12
CA ARG A 798 -20.61 6.05 -15.41
C ARG A 798 -21.84 5.91 -16.30
N GLU A 799 -21.62 5.97 -17.63
CA GLU A 799 -22.70 5.83 -18.62
C GLU A 799 -23.39 4.45 -18.53
N SER A 800 -22.65 3.46 -18.04
CA SER A 800 -23.12 2.08 -17.80
C SER A 800 -24.12 1.99 -16.64
N GLY A 801 -24.18 3.03 -15.82
CA GLY A 801 -25.07 3.07 -14.67
C GLY A 801 -24.34 2.97 -13.34
N GLN A 802 -23.06 2.54 -13.37
CA GLN A 802 -22.20 2.39 -12.20
C GLN A 802 -21.93 3.70 -11.50
N LEU A 803 -22.10 3.68 -10.18
CA LEU A 803 -21.87 4.81 -9.30
C LEU A 803 -20.55 4.58 -8.57
N PHE A 804 -19.76 5.63 -8.39
CA PHE A 804 -18.50 5.51 -7.61
C PHE A 804 -18.20 6.82 -6.88
N HIS A 805 -17.33 6.77 -5.88
CA HIS A 805 -16.94 7.92 -5.08
C HIS A 805 -15.56 8.43 -5.41
N ILE A 806 -15.35 9.72 -5.28
CA ILE A 806 -14.04 10.33 -5.51
C ILE A 806 -13.70 11.23 -4.34
N ASP A 807 -12.45 11.76 -4.33
CA ASP A 807 -11.90 12.72 -3.38
C ASP A 807 -12.08 12.29 -1.93
N PHE A 808 -11.30 11.29 -1.50
CA PHE A 808 -11.38 10.70 -0.16
C PHE A 808 -10.40 11.31 0.86
N GLY A 809 -10.53 12.59 1.09
CA GLY A 809 -9.68 13.30 2.05
C GLY A 809 -9.94 12.96 3.51
N HIS A 810 -11.17 12.54 3.85
CA HIS A 810 -11.55 12.21 5.23
C HIS A 810 -12.15 10.82 5.37
N PHE A 811 -11.70 10.09 6.41
CA PHE A 811 -12.15 8.73 6.70
C PHE A 811 -12.11 8.42 8.18
N LEU A 812 -12.52 7.19 8.57
CA LEU A 812 -12.55 6.71 9.95
C LEU A 812 -13.30 7.67 10.89
N GLY A 813 -14.38 8.25 10.35
CA GLY A 813 -15.27 9.18 11.04
C GLY A 813 -14.84 10.63 11.09
N ASN A 814 -13.58 10.93 10.71
CA ASN A 814 -12.99 12.28 10.71
C ASN A 814 -13.47 13.08 9.51
N ARG A 823 -13.33 14.05 15.41
CA ARG A 823 -13.76 12.66 15.32
C ARG A 823 -15.26 12.48 15.65
N GLU A 824 -16.11 12.40 14.59
CA GLU A 824 -17.56 12.24 14.72
C GLU A 824 -18.07 11.02 13.93
N ARG A 825 -18.44 9.94 14.65
CA ARG A 825 -18.95 8.66 14.11
C ARG A 825 -19.96 8.85 12.96
N VAL A 826 -19.51 8.51 11.73
CA VAL A 826 -20.28 8.64 10.49
C VAL A 826 -21.44 7.60 10.44
N PRO A 827 -22.72 8.05 10.29
CA PRO A 827 -23.83 7.10 10.16
C PRO A 827 -23.93 6.52 8.74
N PHE A 828 -24.69 5.42 8.55
CA PHE A 828 -24.93 4.83 7.23
C PHE A 828 -25.71 5.88 6.39
N ILE A 829 -25.32 6.12 5.13
CA ILE A 829 -25.96 7.15 4.30
C ILE A 829 -26.83 6.56 3.16
N LEU A 830 -28.08 7.07 3.06
CA LEU A 830 -29.10 6.78 2.06
C LEU A 830 -29.68 8.10 1.49
N THR A 831 -29.56 8.30 0.17
CA THR A 831 -30.02 9.49 -0.55
C THR A 831 -31.25 9.14 -1.38
N TYR A 832 -32.31 9.95 -1.29
CA TYR A 832 -33.58 9.76 -2.01
C TYR A 832 -33.45 9.80 -3.55
N ASP A 833 -32.46 10.56 -4.06
CA ASP A 833 -32.14 10.69 -5.49
C ASP A 833 -31.71 9.33 -6.07
N PHE A 834 -31.00 8.54 -5.25
CA PHE A 834 -30.47 7.21 -5.55
C PHE A 834 -31.55 6.16 -5.35
N VAL A 835 -32.38 6.32 -4.28
CA VAL A 835 -33.52 5.45 -3.96
C VAL A 835 -34.51 5.49 -5.12
N HIS A 836 -34.67 6.66 -5.73
CA HIS A 836 -35.54 6.90 -6.86
C HIS A 836 -35.16 6.09 -8.10
N VAL A 837 -33.85 6.02 -8.43
CA VAL A 837 -33.32 5.26 -9.58
C VAL A 837 -33.46 3.73 -9.28
N ILE A 838 -33.06 3.29 -8.07
CA ILE A 838 -33.15 1.90 -7.62
C ILE A 838 -34.59 1.40 -7.84
N GLN A 839 -35.57 2.24 -7.43
CA GLN A 839 -37.00 1.98 -7.53
C GLN A 839 -37.58 2.16 -8.95
N GLN A 840 -36.71 2.38 -9.97
CA GLN A 840 -37.04 2.53 -11.40
C GLN A 840 -37.99 3.73 -11.68
N GLY A 841 -37.90 4.76 -10.85
CA GLY A 841 -38.72 5.96 -10.99
C GLY A 841 -40.08 5.90 -10.35
N LYS A 842 -40.31 4.88 -9.51
CA LYS A 842 -41.58 4.65 -8.82
C LYS A 842 -41.46 5.10 -7.36
N THR A 843 -42.58 5.62 -6.78
CA THR A 843 -42.67 6.10 -5.39
C THR A 843 -42.51 4.92 -4.42
N ASN A 844 -43.27 3.86 -4.69
CA ASN A 844 -43.26 2.63 -3.93
C ASN A 844 -42.86 1.50 -4.86
N ASN A 845 -41.79 0.82 -4.52
CA ASN A 845 -41.24 -0.32 -5.26
C ASN A 845 -40.35 -1.03 -4.27
N SER A 846 -40.97 -1.68 -3.27
CA SER A 846 -40.26 -2.38 -2.22
C SER A 846 -39.56 -3.64 -2.70
N GLU A 847 -39.99 -4.19 -3.85
CA GLU A 847 -39.33 -5.36 -4.44
C GLU A 847 -37.92 -4.94 -4.79
N LYS A 848 -37.75 -3.80 -5.51
CA LYS A 848 -36.44 -3.30 -5.95
C LYS A 848 -35.63 -2.75 -4.81
N PHE A 849 -36.25 -1.99 -3.91
CA PHE A 849 -35.57 -1.42 -2.75
C PHE A 849 -35.04 -2.51 -1.80
N GLU A 850 -35.85 -3.51 -1.51
CA GLU A 850 -35.43 -4.58 -0.59
C GLU A 850 -34.38 -5.50 -1.21
N ARG A 851 -34.30 -5.55 -2.56
CA ARG A 851 -33.22 -6.29 -3.23
C ARG A 851 -31.92 -5.56 -2.93
N PHE A 852 -32.01 -4.22 -2.92
CA PHE A 852 -30.90 -3.31 -2.65
C PHE A 852 -30.40 -3.54 -1.23
N ARG A 853 -31.30 -3.54 -0.24
CA ARG A 853 -30.99 -3.80 1.17
C ARG A 853 -30.31 -5.20 1.35
N GLY A 854 -30.72 -6.19 0.55
CA GLY A 854 -30.14 -7.53 0.55
C GLY A 854 -28.70 -7.49 0.08
N TYR A 855 -28.43 -6.70 -0.99
CA TYR A 855 -27.07 -6.56 -1.50
C TYR A 855 -26.19 -5.91 -0.47
N CYS A 856 -26.70 -4.88 0.24
CA CYS A 856 -26.01 -4.21 1.34
C CYS A 856 -25.66 -5.17 2.46
N GLU A 857 -26.65 -5.93 2.93
CA GLU A 857 -26.48 -6.90 4.01
C GLU A 857 -25.49 -8.03 3.68
N ARG A 858 -25.64 -8.62 2.49
CA ARG A 858 -24.73 -9.67 2.04
C ARG A 858 -23.26 -9.15 1.97
N ALA A 859 -23.06 -7.92 1.40
CA ALA A 859 -21.75 -7.29 1.27
C ALA A 859 -21.12 -7.01 2.63
N TYR A 860 -21.95 -6.47 3.56
CA TYR A 860 -21.53 -6.16 4.92
C TYR A 860 -21.08 -7.41 5.69
N THR A 861 -21.86 -8.52 5.61
CA THR A 861 -21.55 -9.74 6.34
C THR A 861 -20.30 -10.41 5.77
N ILE A 862 -20.02 -10.26 4.47
CA ILE A 862 -18.79 -10.79 3.85
C ILE A 862 -17.56 -10.07 4.45
N LEU A 863 -17.59 -8.72 4.53
CA LEU A 863 -16.50 -7.93 5.10
C LEU A 863 -16.21 -8.28 6.56
N ARG A 864 -17.28 -8.43 7.38
CA ARG A 864 -17.14 -8.79 8.81
C ARG A 864 -16.33 -10.08 8.99
N ARG A 865 -16.55 -11.07 8.10
CA ARG A 865 -15.87 -12.36 8.08
C ARG A 865 -14.37 -12.20 7.85
N HIS A 866 -13.95 -11.07 7.21
CA HIS A 866 -12.55 -10.70 6.97
C HIS A 866 -12.14 -9.47 7.76
N GLY A 867 -12.88 -9.14 8.82
CA GLY A 867 -12.64 -7.97 9.66
C GLY A 867 -11.23 -7.89 10.24
N LEU A 868 -10.68 -9.05 10.62
CA LEU A 868 -9.33 -9.14 11.16
C LEU A 868 -8.27 -8.75 10.14
N LEU A 869 -8.47 -9.11 8.86
CA LEU A 869 -7.58 -8.73 7.77
C LEU A 869 -7.54 -7.18 7.63
N PHE A 870 -8.72 -6.51 7.67
CA PHE A 870 -8.79 -5.04 7.61
C PHE A 870 -8.11 -4.43 8.81
N LEU A 871 -8.35 -4.98 10.02
CA LEU A 871 -7.71 -4.49 11.26
C LEU A 871 -6.17 -4.59 11.22
N HIS A 872 -5.64 -5.76 10.80
CA HIS A 872 -4.21 -6.00 10.68
C HIS A 872 -3.52 -5.06 9.67
N LEU A 873 -4.18 -4.82 8.50
CA LEU A 873 -3.66 -3.91 7.46
C LEU A 873 -3.69 -2.48 7.94
N PHE A 874 -4.81 -2.04 8.51
CA PHE A 874 -4.93 -0.69 9.07
C PHE A 874 -3.94 -0.48 10.21
N ALA A 875 -3.64 -1.53 11.01
CA ALA A 875 -2.68 -1.41 12.10
C ALA A 875 -1.29 -1.18 11.50
N LEU A 876 -0.96 -1.86 10.36
CA LEU A 876 0.34 -1.67 9.70
C LEU A 876 0.51 -0.28 9.14
N MET A 877 -0.62 0.33 8.68
CA MET A 877 -0.72 1.67 8.13
C MET A 877 -0.47 2.77 9.12
N ARG A 878 -0.55 2.48 10.44
CA ARG A 878 -0.22 3.46 11.48
C ARG A 878 1.18 4.06 11.26
N ALA A 879 2.12 3.27 10.66
CA ALA A 879 3.49 3.66 10.29
C ALA A 879 3.54 4.76 9.21
N ALA A 880 2.46 4.91 8.38
CA ALA A 880 2.40 5.88 7.28
C ALA A 880 2.54 7.32 7.74
N GLY A 881 2.08 7.60 8.97
CA GLY A 881 2.11 8.94 9.53
C GLY A 881 0.92 9.79 9.09
N LEU A 882 -0.15 9.15 8.54
CA LEU A 882 -1.38 9.82 8.11
C LEU A 882 -2.03 10.48 9.33
N PRO A 883 -2.42 11.77 9.28
CA PRO A 883 -3.00 12.43 10.48
C PRO A 883 -4.28 11.77 11.00
N GLU A 884 -5.09 11.20 10.10
CA GLU A 884 -6.34 10.50 10.43
C GLU A 884 -6.14 9.03 10.77
N LEU A 885 -4.88 8.57 10.83
CA LEU A 885 -4.54 7.20 11.21
C LEU A 885 -3.27 7.22 12.08
N SER A 886 -3.40 7.78 13.30
CA SER A 886 -2.30 7.99 14.25
C SER A 886 -2.30 7.06 15.46
N CYS A 887 -3.49 6.81 16.04
CA CYS A 887 -3.65 6.03 17.26
C CYS A 887 -4.71 4.92 17.17
N SER A 888 -4.86 4.15 18.28
CA SER A 888 -5.82 3.06 18.47
C SER A 888 -7.28 3.51 18.37
N LYS A 889 -7.55 4.80 18.67
CA LYS A 889 -8.87 5.42 18.59
C LYS A 889 -9.38 5.41 17.14
N ASP A 890 -8.46 5.70 16.18
CA ASP A 890 -8.77 5.70 14.74
C ASP A 890 -9.17 4.30 14.24
N ILE A 891 -8.53 3.24 14.80
CA ILE A 891 -8.83 1.85 14.44
C ILE A 891 -10.07 1.32 15.24
N GLN A 892 -10.52 2.06 16.29
CA GLN A 892 -11.71 1.70 17.07
C GLN A 892 -12.92 1.85 16.17
N TYR A 893 -12.87 2.85 15.32
CA TYR A 893 -13.89 3.16 14.37
C TYR A 893 -14.20 1.93 13.49
N LEU A 894 -13.13 1.30 12.97
CA LEU A 894 -13.22 0.12 12.12
C LEU A 894 -13.69 -1.09 12.92
N LYS A 895 -13.33 -1.18 14.22
CA LYS A 895 -13.80 -2.28 15.08
C LYS A 895 -15.30 -2.13 15.29
N ASP A 896 -15.78 -0.89 15.47
CA ASP A 896 -17.19 -0.58 15.69
C ASP A 896 -18.01 -0.78 14.45
N SER A 897 -17.54 -0.25 13.29
CA SER A 897 -18.27 -0.39 12.02
C SER A 897 -18.39 -1.85 11.59
N LEU A 898 -17.39 -2.69 11.93
CA LEU A 898 -17.48 -4.10 11.60
C LEU A 898 -18.11 -4.92 12.73
N ALA A 899 -18.44 -4.30 13.90
CA ALA A 899 -19.04 -4.95 15.08
C ALA A 899 -18.40 -6.33 15.37
N LEU A 900 -17.07 -6.35 15.46
CA LEU A 900 -16.35 -7.61 15.60
C LEU A 900 -16.45 -8.25 17.00
N GLY A 901 -16.89 -7.49 18.00
CA GLY A 901 -17.11 -8.00 19.34
C GLY A 901 -18.52 -8.57 19.51
N LYS A 902 -19.13 -9.05 18.40
CA LYS A 902 -20.48 -9.59 18.36
C LYS A 902 -20.60 -10.80 17.44
N THR A 903 -21.71 -11.54 17.59
CA THR A 903 -22.05 -12.68 16.75
C THR A 903 -22.55 -12.11 15.42
N GLU A 904 -22.68 -12.95 14.37
CA GLU A 904 -23.20 -12.47 13.08
C GLU A 904 -24.66 -12.03 13.24
N GLU A 905 -25.40 -12.64 14.18
CA GLU A 905 -26.79 -12.29 14.44
C GLU A 905 -26.94 -10.92 15.09
N GLU A 906 -26.12 -10.63 16.13
CA GLU A 906 -26.12 -9.35 16.86
C GLU A 906 -25.63 -8.20 15.97
N ALA A 907 -24.63 -8.48 15.10
CA ALA A 907 -24.03 -7.49 14.18
C ALA A 907 -24.99 -7.11 13.05
N LEU A 908 -25.69 -8.10 12.49
CA LEU A 908 -26.66 -7.92 11.43
C LEU A 908 -27.90 -7.14 11.94
N LYS A 909 -28.27 -7.37 13.20
CA LYS A 909 -29.35 -6.68 13.91
C LYS A 909 -28.99 -5.19 14.00
N HIS A 910 -27.72 -4.91 14.38
CA HIS A 910 -27.15 -3.59 14.55
C HIS A 910 -27.06 -2.85 13.21
N PHE A 911 -26.61 -3.55 12.15
CA PHE A 911 -26.51 -2.97 10.80
C PHE A 911 -27.92 -2.58 10.30
N ARG A 912 -28.92 -3.46 10.58
CA ARG A 912 -30.33 -3.26 10.24
C ARG A 912 -30.90 -2.02 10.94
N VAL A 913 -30.46 -1.75 12.20
CA VAL A 913 -30.87 -0.58 12.98
C VAL A 913 -30.29 0.68 12.30
N LYS A 914 -29.01 0.64 11.89
CA LYS A 914 -28.31 1.74 11.22
C LYS A 914 -28.83 2.00 9.80
N PHE A 915 -29.24 0.94 9.07
CA PHE A 915 -29.74 1.06 7.70
C PHE A 915 -31.17 1.65 7.76
N ASN A 916 -32.00 1.17 8.70
CA ASN A 916 -33.35 1.68 8.92
C ASN A 916 -33.34 3.12 9.41
N GLU A 917 -32.30 3.50 10.20
CA GLU A 917 -32.10 4.88 10.70
C GLU A 917 -31.77 5.82 9.55
N ALA A 918 -30.99 5.32 8.58
CA ALA A 918 -30.57 6.02 7.37
C ALA A 918 -31.73 6.17 6.38
N LEU A 919 -32.67 5.21 6.41
CA LEU A 919 -33.87 5.23 5.56
C LEU A 919 -34.85 6.32 6.07
N ARG A 920 -35.02 6.42 7.40
CA ARG A 920 -35.86 7.40 8.09
C ARG A 920 -35.34 8.81 7.88
N GLU A 921 -33.99 8.96 7.84
CA GLU A 921 -33.26 10.20 7.55
C GLU A 921 -33.50 10.58 6.08
N SER A 922 -33.43 9.59 5.15
CA SER A 922 -33.69 9.72 3.72
C SER A 922 -35.14 10.15 3.44
N TRP A 923 -36.10 9.69 4.28
CA TRP A 923 -37.53 10.03 4.18
C TRP A 923 -37.84 11.49 4.48
N LYS A 924 -36.96 12.19 5.23
CA LYS A 924 -37.07 13.63 5.55
C LYS A 924 -36.92 14.46 4.26
N THR A 925 -36.36 13.83 3.20
CA THR A 925 -36.20 14.40 1.87
C THR A 925 -37.37 13.93 1.00
N LYS A 926 -37.82 12.65 1.17
CA LYS A 926 -38.94 12.04 0.44
C LYS A 926 -40.28 12.75 0.74
N VAL A 927 -40.48 13.18 2.02
CA VAL A 927 -41.67 13.89 2.51
C VAL A 927 -41.95 15.15 1.65
N ASN A 928 -40.87 15.86 1.23
CA ASN A 928 -40.93 17.06 0.40
C ASN A 928 -41.07 16.68 -1.08
#